data_5K0Z
#
_entry.id   5K0Z
#
_cell.length_a   1
_cell.length_b   1
_cell.length_c   1
_cell.angle_alpha   90.00
_cell.angle_beta   90.00
_cell.angle_gamma   90.00
#
_symmetry.space_group_name_H-M   'P 1'
#
loop_
_entity.id
_entity.type
_entity.pdbx_description
1 polymer 'L-lactate dehydrogenase B chain'
2 water water
#
_entity_poly.entity_id   1
_entity_poly.type   'polypeptide(L)'
_entity_poly.pdbx_seq_one_letter_code
;ATLKEKLITPVAAGSTVPSNKITVVGVGQVGMACAISILGKGLCDELALVDVLEDKLKGEMMDLQHGSLFLQTHKIVADK
DYAVTANSKIVVVTAGVRQQEGESRLNLVQRNVNVFKFIIPQIVKYSPNCTILVVSNPVDILTYVTWKLSGLPKHRVIGS
GCNLDTARFRYLMAERLGIHPTSCHGWILGEHGDSSVAVWSGVNVAGVSLQELNPAMGTDKDSENWKEVHKQVVESAYEV
IRLKGYTNWAIGLSVAELCETMLKNLYRVHSVSTLVKGTYGIENDVFLSLPCVLSASGLTSVINQKLKDDEVAQLKKSAD
TLWSIQKDLKD
;
_entity_poly.pdbx_strand_id   A,B,C,D
#
# COMPACT_ATOMS: atom_id res chain seq x y z
N ALA A 1 25.01 31.93 -7.87
CA ALA A 1 26.04 31.26 -7.08
C ALA A 1 25.46 30.17 -6.17
N THR A 2 24.15 29.95 -6.25
CA THR A 2 23.50 28.90 -5.50
C THR A 2 22.38 28.28 -6.33
N LEU A 3 22.28 26.94 -6.30
CA LEU A 3 21.12 26.30 -6.90
C LEU A 3 19.87 26.52 -6.07
N LYS A 4 19.93 26.19 -4.78
CA LYS A 4 18.77 26.31 -3.89
C LYS A 4 18.16 27.71 -3.94
N GLU A 5 18.99 28.75 -3.95
CA GLU A 5 18.46 30.10 -4.06
C GLU A 5 17.77 30.31 -5.40
N LYS A 6 18.43 29.89 -6.49
CA LYS A 6 17.91 30.17 -7.81
C LYS A 6 16.75 29.24 -8.17
N LEU A 7 16.82 27.99 -7.73
CA LEU A 7 15.80 27.03 -8.09
C LEU A 7 14.53 27.13 -7.26
N ILE A 8 14.63 27.23 -5.95
CA ILE A 8 13.51 26.97 -5.06
C ILE A 8 13.14 28.26 -4.34
N THR A 9 11.98 28.84 -4.70
CA THR A 9 11.50 30.10 -4.18
C THR A 9 10.52 29.89 -3.04
N PRO A 10 10.89 30.22 -1.80
CA PRO A 10 10.04 29.91 -0.64
C PRO A 10 8.70 30.63 -0.71
N VAL A 11 7.61 29.87 -0.61
CA VAL A 11 6.27 30.40 -0.48
C VAL A 11 5.80 30.48 0.97
N THR A 16 8.37 24.49 10.21
CA THR A 16 7.85 23.09 10.15
C THR A 16 7.38 22.51 11.50
N VAL A 17 7.24 21.19 11.53
CA VAL A 17 6.80 20.44 12.72
C VAL A 17 6.58 18.99 12.29
N PRO A 18 6.87 18.02 13.15
CA PRO A 18 6.45 16.64 12.85
C PRO A 18 4.94 16.48 12.93
N SER A 19 4.41 15.63 12.05
CA SER A 19 2.97 15.37 11.99
C SER A 19 2.62 14.04 12.66
N ASN A 20 2.95 12.92 12.01
CA ASN A 20 2.68 11.58 12.50
C ASN A 20 3.88 10.96 13.21
N LYS A 21 4.85 11.79 13.55
CA LYS A 21 6.18 11.32 13.92
C LYS A 21 6.16 10.14 14.88
N ILE A 22 7.03 9.17 14.61
CA ILE A 22 7.24 8.00 15.46
C ILE A 22 8.70 7.98 15.82
N THR A 23 8.98 7.68 17.08
CA THR A 23 10.34 7.48 17.54
C THR A 23 10.49 6.01 17.88
N VAL A 24 11.59 5.41 17.44
CA VAL A 24 11.96 4.08 17.88
C VAL A 24 13.15 4.21 18.79
N VAL A 25 13.05 3.65 19.99
CA VAL A 25 14.14 3.71 20.96
C VAL A 25 14.96 2.43 20.83
N GLY A 26 16.18 2.56 20.38
CA GLY A 26 17.10 1.47 20.08
C GLY A 26 17.19 1.17 18.61
N VAL A 27 18.41 0.85 18.18
CA VAL A 27 18.73 0.40 16.83
C VAL A 27 19.01 -1.09 16.77
N GLY A 28 18.75 -1.82 17.83
CA GLY A 28 19.13 -3.22 17.87
C GLY A 28 18.37 -4.05 16.85
N GLN A 29 18.65 -5.36 16.88
CA GLN A 29 18.07 -6.30 15.94
C GLN A 29 16.56 -6.08 15.79
N VAL A 30 15.86 -5.95 16.91
CA VAL A 30 14.43 -5.72 16.92
C VAL A 30 14.02 -4.26 16.77
N GLY A 31 14.92 -3.31 17.06
CA GLY A 31 14.54 -1.91 16.93
C GLY A 31 14.67 -1.41 15.51
N MET A 32 15.55 -2.02 14.72
CA MET A 32 15.59 -1.70 13.30
C MET A 32 14.63 -2.57 12.52
N ALA A 33 14.12 -3.64 13.12
CA ALA A 33 13.02 -4.35 12.50
C ALA A 33 11.77 -3.50 12.55
N CYS A 34 11.53 -2.82 13.67
CA CYS A 34 10.34 -1.99 13.80
C CYS A 34 10.43 -0.78 12.88
N ALA A 35 11.60 -0.16 12.80
CA ALA A 35 11.73 1.00 11.93
C ALA A 35 11.45 0.65 10.48
N ILE A 36 12.10 -0.39 9.97
CA ILE A 36 11.97 -0.66 8.55
C ILE A 36 10.58 -1.21 8.24
N SER A 37 9.89 -1.70 9.25
CA SER A 37 8.49 -2.07 9.04
C SER A 37 7.59 -0.86 9.12
N ILE A 38 7.90 0.07 10.01
CA ILE A 38 7.12 1.31 10.10
C ILE A 38 7.32 2.14 8.86
N LEU A 39 8.55 2.22 8.36
CA LEU A 39 8.82 2.92 7.12
C LEU A 39 8.27 2.17 5.94
N GLY A 40 8.28 0.85 6.00
CA GLY A 40 7.74 0.07 4.91
C GLY A 40 6.23 0.21 4.78
N LYS A 41 5.58 0.66 5.83
CA LYS A 41 4.15 0.95 5.78
C LYS A 41 3.85 2.42 5.56
N GLY A 42 4.87 3.27 5.53
CA GLY A 42 4.67 4.70 5.36
C GLY A 42 3.84 5.34 6.44
N LEU A 43 3.96 4.86 7.67
CA LEU A 43 3.14 5.39 8.76
C LEU A 43 3.63 6.75 9.19
N CYS A 44 4.92 6.86 9.48
CA CYS A 44 5.50 8.03 10.13
C CYS A 44 5.86 9.06 9.07
N ASP A 45 5.50 10.31 9.34
CA ASP A 45 5.93 11.40 8.49
C ASP A 45 7.36 11.82 8.84
N GLU A 46 7.78 11.58 10.08
CA GLU A 46 9.16 11.65 10.52
C GLU A 46 9.44 10.41 11.35
N LEU A 47 10.61 9.82 11.18
CA LEU A 47 11.04 8.71 12.02
C LEU A 47 12.28 9.15 12.78
N ALA A 48 12.15 9.24 14.11
CA ALA A 48 13.28 9.54 14.97
C ALA A 48 13.83 8.24 15.53
N LEU A 49 15.14 8.09 15.52
CA LEU A 49 15.78 6.95 16.15
C LEU A 49 16.66 7.46 17.27
N VAL A 50 16.70 6.73 18.38
CA VAL A 50 17.55 7.09 19.52
C VAL A 50 18.14 5.80 20.06
N ASP A 51 19.44 5.82 20.33
CA ASP A 51 20.05 4.73 21.06
C ASP A 51 21.32 5.24 21.71
N VAL A 52 21.82 4.46 22.67
CA VAL A 52 22.99 4.83 23.45
C VAL A 52 24.29 4.76 22.65
N LEU A 53 24.25 4.26 21.42
CA LEU A 53 25.44 4.17 20.58
C LEU A 53 25.52 5.41 19.70
N GLU A 54 26.75 5.89 19.49
CA GLU A 54 26.96 7.10 18.71
C GLU A 54 26.90 6.83 17.22
N ASP A 55 27.44 5.69 16.77
CA ASP A 55 27.83 5.50 15.38
C ASP A 55 26.82 4.63 14.63
N LYS A 56 26.64 3.39 15.10
CA LYS A 56 25.60 2.53 14.55
C LYS A 56 24.29 3.28 14.39
N LEU A 57 23.93 4.06 15.40
CA LEU A 57 22.76 4.92 15.29
C LEU A 57 22.86 5.84 14.08
N LYS A 58 24.02 6.44 13.87
CA LYS A 58 24.21 7.27 12.70
C LYS A 58 24.30 6.42 11.44
N GLY A 59 24.68 5.16 11.58
CA GLY A 59 24.74 4.28 10.44
C GLY A 59 23.38 3.70 10.09
N GLU A 60 22.56 3.43 11.11
CA GLU A 60 21.20 2.99 10.85
C GLU A 60 20.38 4.10 10.22
N MET A 61 20.60 5.34 10.66
CA MET A 61 19.91 6.47 10.05
C MET A 61 20.30 6.65 8.59
N MET A 62 21.60 6.61 8.30
CA MET A 62 22.04 6.85 6.93
C MET A 62 21.65 5.70 6.03
N ASP A 63 21.62 4.48 6.56
CA ASP A 63 21.24 3.36 5.73
C ASP A 63 19.76 3.44 5.38
N LEU A 64 18.95 3.96 6.29
CA LEU A 64 17.55 4.19 5.97
C LEU A 64 17.38 5.39 5.05
N GLN A 65 18.05 6.50 5.35
CA GLN A 65 17.90 7.69 4.52
C GLN A 65 18.27 7.43 3.08
N HIS A 66 19.26 6.56 2.83
CA HIS A 66 19.63 6.29 1.45
C HIS A 66 18.50 5.61 0.69
N GLY A 67 17.62 4.94 1.40
CA GLY A 67 16.43 4.37 0.81
C GLY A 67 15.25 5.30 0.81
N SER A 68 15.44 6.57 1.16
CA SER A 68 14.31 7.50 1.23
C SER A 68 13.61 7.65 -0.11
N LEU A 69 14.34 7.47 -1.20
CA LEU A 69 13.69 7.40 -2.50
C LEU A 69 12.59 6.35 -2.52
N PHE A 70 12.78 5.26 -1.79
CA PHE A 70 11.87 4.13 -1.85
C PHE A 70 10.84 4.17 -0.75
N LEU A 71 10.85 5.21 0.07
CA LEU A 71 10.04 5.28 1.26
C LEU A 71 9.04 6.42 1.12
N GLN A 72 7.94 6.30 1.83
CA GLN A 72 6.98 7.38 1.97
C GLN A 72 7.31 8.29 3.13
N THR A 73 8.45 8.09 3.77
CA THR A 73 8.83 8.93 4.90
C THR A 73 9.78 9.99 4.39
N HIS A 74 9.58 11.22 4.87
CA HIS A 74 10.43 12.30 4.40
C HIS A 74 11.67 12.43 5.26
N LYS A 75 11.49 12.76 6.54
CA LYS A 75 12.62 13.03 7.43
C LYS A 75 12.86 11.83 8.33
N ILE A 76 14.04 11.23 8.21
CA ILE A 76 14.47 10.18 9.12
C ILE A 76 15.66 10.75 9.89
N VAL A 77 15.46 10.99 11.18
CA VAL A 77 16.49 11.59 12.01
C VAL A 77 16.86 10.61 13.13
N ALA A 78 18.13 10.60 13.50
CA ALA A 78 18.61 9.79 14.61
C ALA A 78 19.68 10.55 15.37
N ASP A 79 19.48 10.68 16.67
CA ASP A 79 20.50 11.25 17.55
C ASP A 79 20.50 10.47 18.85
N LYS A 80 21.62 10.57 19.57
CA LYS A 80 21.70 9.99 20.90
C LYS A 80 21.00 10.85 21.95
N ASP A 81 20.86 12.15 21.72
CA ASP A 81 19.99 12.95 22.57
C ASP A 81 18.55 12.85 22.11
N TYR A 82 17.65 13.06 23.05
CA TYR A 82 16.22 12.93 22.84
C TYR A 82 15.58 14.20 22.33
N ALA A 83 16.36 15.21 21.94
CA ALA A 83 15.77 16.33 21.23
C ALA A 83 15.03 15.87 19.98
N VAL A 84 15.57 14.87 19.26
CA VAL A 84 14.92 14.37 18.06
C VAL A 84 13.56 13.78 18.39
N THR A 85 13.44 13.15 19.55
CA THR A 85 12.19 12.55 19.99
C THR A 85 11.04 13.54 20.04
N ALA A 86 11.32 14.83 20.06
CA ALA A 86 10.28 15.83 20.27
C ALA A 86 9.15 15.67 19.27
N ASN A 87 7.92 15.91 19.75
CA ASN A 87 6.70 15.87 18.95
C ASN A 87 6.36 14.45 18.45
N SER A 88 6.82 13.43 19.15
CA SER A 88 6.52 12.06 18.71
C SER A 88 5.08 11.70 19.02
N LYS A 89 4.39 11.18 18.01
CA LYS A 89 3.02 10.73 18.22
C LYS A 89 2.99 9.40 18.93
N ILE A 90 4.01 8.60 18.71
CA ILE A 90 4.19 7.30 19.34
C ILE A 90 5.67 7.13 19.59
N VAL A 91 6.04 6.58 20.73
CA VAL A 91 7.43 6.28 21.02
C VAL A 91 7.52 4.79 21.25
N VAL A 92 8.20 4.11 20.35
CA VAL A 92 8.35 2.67 20.42
C VAL A 92 9.64 2.41 21.18
N VAL A 93 9.53 1.79 22.35
CA VAL A 93 10.67 1.59 23.22
C VAL A 93 11.13 0.16 23.04
N THR A 94 12.22 -0.02 22.32
CA THR A 94 12.86 -1.31 22.16
C THR A 94 14.07 -1.46 23.07
N ALA A 95 14.44 -0.40 23.78
CA ALA A 95 15.68 -0.40 24.54
C ALA A 95 15.64 -1.42 25.66
N GLY A 96 16.65 -2.27 25.69
CA GLY A 96 16.77 -3.29 26.72
C GLY A 96 18.14 -3.91 26.63
N VAL A 97 18.59 -4.45 27.76
CA VAL A 97 19.97 -4.89 27.88
C VAL A 97 20.03 -6.41 27.80
N LEU A 108 15.93 -9.99 36.09
CA LEU A 108 16.68 -9.05 35.25
C LEU A 108 15.94 -7.75 35.03
N VAL A 109 14.71 -7.62 35.55
CA VAL A 109 13.93 -6.41 35.36
C VAL A 109 14.67 -5.20 35.90
N GLN A 110 15.22 -5.30 37.11
CA GLN A 110 15.77 -4.12 37.77
C GLN A 110 17.02 -3.61 37.06
N ARG A 111 17.56 -4.40 36.13
CA ARG A 111 18.55 -3.85 35.21
C ARG A 111 17.87 -3.02 34.12
N ASN A 112 16.79 -3.54 33.55
CA ASN A 112 16.04 -2.78 32.57
C ASN A 112 15.47 -1.52 33.18
N VAL A 113 15.16 -1.54 34.47
CA VAL A 113 14.64 -0.34 35.12
C VAL A 113 15.75 0.66 35.33
N ASN A 114 17.00 0.22 35.21
CA ASN A 114 18.09 1.19 35.15
C ASN A 114 18.03 1.97 33.84
N VAL A 115 17.77 1.28 32.74
CA VAL A 115 17.68 1.96 31.45
C VAL A 115 16.45 2.84 31.38
N PHE A 116 15.30 2.33 31.84
CA PHE A 116 14.08 3.11 31.66
C PHE A 116 14.03 4.31 32.60
N LYS A 117 14.74 4.27 33.72
CA LYS A 117 14.96 5.52 34.44
C LYS A 117 15.77 6.49 33.61
N PHE A 118 16.69 5.96 32.81
CA PHE A 118 17.67 6.70 32.04
C PHE A 118 17.10 7.28 30.76
N ILE A 119 16.02 6.68 30.22
CA ILE A 119 15.47 7.01 28.91
C ILE A 119 14.04 7.52 29.00
N ILE A 120 13.13 6.71 29.54
CA ILE A 120 11.71 7.04 29.59
C ILE A 120 11.39 8.46 30.05
N PRO A 121 12.03 9.03 31.08
CA PRO A 121 11.72 10.42 31.39
C PRO A 121 12.30 11.40 30.39
N GLN A 122 13.32 11.00 29.64
CA GLN A 122 13.79 11.82 28.52
C GLN A 122 12.83 11.75 27.33
N ILE A 123 12.26 10.56 27.10
CA ILE A 123 11.16 10.43 26.14
C ILE A 123 10.06 11.43 26.43
N VAL A 124 9.63 11.52 27.68
CA VAL A 124 8.46 12.32 28.03
C VAL A 124 8.78 13.79 28.19
N LYS A 125 10.04 14.15 28.40
CA LYS A 125 10.35 15.57 28.50
C LYS A 125 10.13 16.27 27.16
N TYR A 126 10.59 15.65 26.08
CA TYR A 126 10.51 16.21 24.74
C TYR A 126 9.17 15.99 24.05
N SER A 127 8.42 14.98 24.44
CA SER A 127 7.22 14.65 23.68
C SER A 127 6.08 14.21 24.59
N PRO A 128 5.40 15.13 25.25
CA PRO A 128 4.50 14.76 26.34
C PRO A 128 3.27 13.98 25.90
N ASN A 129 2.87 14.14 24.65
CA ASN A 129 1.62 13.54 24.19
C ASN A 129 1.84 12.11 23.74
N CYS A 130 3.09 11.69 23.61
CA CYS A 130 3.42 10.44 22.95
C CYS A 130 2.69 9.27 23.58
N THR A 131 2.26 8.33 22.76
CA THR A 131 1.95 7.01 23.27
C THR A 131 3.25 6.24 23.36
N ILE A 132 3.46 5.53 24.45
CA ILE A 132 4.67 4.75 24.61
C ILE A 132 4.31 3.29 24.40
N LEU A 133 4.85 2.71 23.34
CA LEU A 133 4.74 1.29 23.06
C LEU A 133 6.02 0.63 23.51
N VAL A 134 5.90 -0.35 24.40
CA VAL A 134 7.07 -1.00 24.96
C VAL A 134 7.22 -2.38 24.31
N VAL A 135 8.26 -2.51 23.50
CA VAL A 135 8.51 -3.74 22.76
C VAL A 135 9.43 -4.70 23.50
N SER A 136 10.13 -4.23 24.54
CA SER A 136 11.28 -4.95 25.05
C SER A 136 10.89 -5.96 26.11
N ASN A 137 11.56 -7.12 26.07
CA ASN A 137 11.37 -8.15 27.08
C ASN A 137 12.14 -7.89 28.36
N PRO A 138 11.52 -8.16 29.52
CA PRO A 138 10.12 -8.53 29.76
C PRO A 138 9.17 -7.41 29.44
N VAL A 139 8.13 -7.69 28.67
CA VAL A 139 7.28 -6.63 28.16
C VAL A 139 6.26 -6.20 29.20
N ASP A 140 5.78 -7.14 30.02
CA ASP A 140 4.70 -6.84 30.95
C ASP A 140 5.19 -5.97 32.08
N ILE A 141 6.41 -6.22 32.57
CA ILE A 141 6.93 -5.46 33.69
C ILE A 141 7.52 -4.14 33.22
N LEU A 142 8.28 -4.18 32.14
CA LEU A 142 8.85 -2.96 31.59
C LEU A 142 7.77 -2.02 31.06
N THR A 143 6.55 -2.53 30.93
CA THR A 143 5.41 -1.67 30.67
C THR A 143 4.95 -0.97 31.94
N TYR A 144 4.98 -1.69 33.06
CA TYR A 144 4.72 -1.04 34.34
C TYR A 144 5.83 -0.06 34.68
N VAL A 145 7.07 -0.52 34.55
CA VAL A 145 8.22 0.32 34.78
C VAL A 145 8.08 1.63 34.05
N THR A 146 7.56 1.59 32.82
CA THR A 146 7.49 2.79 32.01
C THR A 146 6.21 3.56 32.26
N TRP A 147 5.22 2.93 32.89
CA TRP A 147 4.06 3.69 33.33
C TRP A 147 4.31 4.39 34.65
N LYS A 148 5.03 3.74 35.56
CA LYS A 148 5.39 4.41 36.80
C LYS A 148 6.15 5.69 36.57
N LEU A 149 7.26 5.62 35.84
CA LEU A 149 8.20 6.72 35.87
C LEU A 149 8.01 7.71 34.72
N SER A 150 7.06 7.47 33.82
CA SER A 150 6.75 8.43 32.77
C SER A 150 5.67 9.42 33.12
N GLY A 151 4.86 9.14 34.14
CA GLY A 151 3.74 10.00 34.45
C GLY A 151 2.74 10.20 33.33
N LEU A 152 2.64 9.24 32.39
CA LEU A 152 1.58 9.24 31.38
C LEU A 152 0.36 8.49 31.88
N PRO A 153 -0.82 8.78 31.33
CA PRO A 153 -2.01 8.05 31.72
C PRO A 153 -1.89 6.56 31.45
N LYS A 154 -2.80 5.81 32.07
CA LYS A 154 -2.86 4.37 31.85
C LYS A 154 -2.99 4.03 30.38
N HIS A 155 -3.73 4.85 29.62
CA HIS A 155 -4.04 4.49 28.25
C HIS A 155 -2.97 4.90 27.25
N ARG A 156 -2.00 5.71 27.66
CA ARG A 156 -0.93 6.12 26.75
C ARG A 156 0.34 5.33 26.92
N VAL A 157 0.40 4.36 27.81
CA VAL A 157 1.58 3.53 27.96
C VAL A 157 1.14 2.08 27.89
N ILE A 158 1.56 1.37 26.84
CA ILE A 158 1.18 0.00 26.62
C ILE A 158 2.35 -0.71 25.98
N GLY A 159 2.49 -1.98 26.25
CA GLY A 159 3.56 -2.78 25.69
C GLY A 159 3.01 -3.64 24.58
N SER A 160 3.92 -4.19 23.77
CA SER A 160 3.48 -5.06 22.69
C SER A 160 2.69 -6.23 23.24
N GLY A 161 3.30 -7.01 24.12
CA GLY A 161 2.56 -8.05 24.79
C GLY A 161 2.33 -9.25 23.91
N CYS A 162 1.14 -9.81 24.01
CA CYS A 162 0.79 -11.03 23.30
C CYS A 162 0.24 -10.77 21.91
N ASN A 163 0.32 -9.52 21.46
CA ASN A 163 0.03 -9.22 20.07
C ASN A 163 0.76 -10.16 19.13
N LEU A 164 2.07 -10.27 19.26
CA LEU A 164 2.81 -11.18 18.39
C LEU A 164 2.51 -12.64 18.73
N ASP A 165 2.34 -12.96 20.01
CA ASP A 165 1.87 -14.28 20.36
C ASP A 165 0.57 -14.60 19.66
N THR A 166 -0.36 -13.65 19.62
CA THR A 166 -1.61 -13.85 18.88
C THR A 166 -1.33 -14.01 17.39
N ALA A 167 -0.32 -13.33 16.89
CA ALA A 167 0.04 -13.45 15.49
C ALA A 167 0.66 -14.81 15.18
N ARG A 168 1.63 -15.23 15.98
CA ARG A 168 2.18 -16.57 15.84
C ARG A 168 1.09 -17.62 16.01
N PHE A 169 0.13 -17.36 16.90
CA PHE A 169 -0.91 -18.33 17.17
C PHE A 169 -1.84 -18.49 15.99
N ARG A 170 -2.07 -17.40 15.25
CA ARG A 170 -2.95 -17.48 14.10
C ARG A 170 -2.27 -18.10 12.91
N TYR A 171 -0.96 -17.87 12.76
CA TYR A 171 -0.27 -18.52 11.67
C TYR A 171 -0.26 -20.03 11.87
N LEU A 172 -0.02 -20.46 13.11
CA LEU A 172 -0.06 -21.88 13.42
C LEU A 172 -1.46 -22.43 13.25
N MET A 173 -2.45 -21.77 13.85
CA MET A 173 -3.83 -22.21 13.73
C MET A 173 -4.28 -22.25 12.28
N ALA A 174 -3.69 -21.42 11.42
CA ALA A 174 -4.03 -21.44 10.00
C ALA A 174 -3.24 -22.51 9.26
N GLU A 175 -1.95 -22.63 9.54
CA GLU A 175 -1.14 -23.61 8.83
C GLU A 175 -1.72 -25.01 8.98
N ARG A 176 -2.26 -25.33 10.15
CA ARG A 176 -2.94 -26.61 10.33
C ARG A 176 -4.22 -26.66 9.50
N LEU A 177 -4.84 -25.52 9.25
CA LEU A 177 -6.02 -25.47 8.40
C LEU A 177 -5.72 -25.03 6.98
N GLY A 178 -4.48 -24.67 6.67
CA GLY A 178 -4.15 -24.25 5.32
C GLY A 178 -4.67 -22.90 4.89
N ILE A 179 -5.42 -22.20 5.74
CA ILE A 179 -6.00 -20.93 5.35
C ILE A 179 -5.03 -19.82 5.68
N HIS A 180 -5.45 -18.58 5.49
CA HIS A 180 -4.57 -17.44 5.69
C HIS A 180 -4.74 -16.91 7.11
N PRO A 181 -3.64 -16.54 7.77
CA PRO A 181 -3.72 -16.23 9.21
C PRO A 181 -4.73 -15.16 9.56
N THR A 182 -5.09 -14.29 8.62
CA THR A 182 -6.07 -13.26 8.91
C THR A 182 -7.45 -13.86 9.11
N SER A 183 -7.67 -15.07 8.60
CA SER A 183 -8.97 -15.70 8.66
C SER A 183 -9.22 -16.39 10.00
N CYS A 184 -8.18 -16.96 10.58
CA CYS A 184 -8.33 -17.74 11.80
C CYS A 184 -8.09 -16.87 13.02
N HIS A 185 -9.14 -16.65 13.78
CA HIS A 185 -9.15 -15.66 14.84
C HIS A 185 -9.00 -16.38 16.18
N GLY A 186 -7.87 -16.17 16.84
CA GLY A 186 -7.68 -16.71 18.16
C GLY A 186 -6.68 -15.84 18.92
N TRP A 187 -6.79 -15.87 20.23
CA TRP A 187 -6.16 -14.86 21.06
C TRP A 187 -5.20 -15.48 22.06
N ILE A 188 -4.32 -14.61 22.55
CA ILE A 188 -3.34 -14.93 23.57
C ILE A 188 -3.39 -13.82 24.60
N LEU A 189 -3.70 -14.17 25.84
CA LEU A 189 -3.78 -13.20 26.91
C LEU A 189 -2.78 -13.55 27.99
N GLY A 190 -2.39 -12.57 28.78
CA GLY A 190 -1.65 -12.82 29.98
C GLY A 190 -0.15 -12.61 29.83
N GLU A 191 0.58 -13.23 30.74
CA GLU A 191 2.03 -13.08 30.80
C GLU A 191 2.67 -13.68 29.56
N HIS A 192 3.92 -13.31 29.31
CA HIS A 192 4.54 -13.59 28.02
C HIS A 192 5.38 -14.86 28.06
N GLY A 193 5.35 -15.59 29.17
CA GLY A 193 6.09 -16.83 29.26
C GLY A 193 5.28 -18.02 28.78
N ASP A 194 5.54 -19.18 29.42
CA ASP A 194 4.67 -20.34 29.23
C ASP A 194 3.27 -20.05 29.76
N SER A 195 3.14 -18.94 30.47
CA SER A 195 1.97 -18.58 31.24
C SER A 195 0.93 -17.77 30.46
N SER A 196 1.14 -17.59 29.15
CA SER A 196 0.14 -16.92 28.33
C SER A 196 -1.14 -17.72 28.32
N VAL A 197 -2.26 -17.04 28.10
CA VAL A 197 -3.56 -17.69 28.07
C VAL A 197 -4.03 -17.73 26.63
N ALA A 198 -4.08 -18.91 26.04
CA ALA A 198 -4.70 -19.03 24.74
C ALA A 198 -6.16 -19.33 24.97
N VAL A 199 -7.02 -18.36 24.68
CA VAL A 199 -8.45 -18.54 24.93
C VAL A 199 -9.00 -19.29 23.73
N TRP A 200 -9.46 -20.51 23.98
CA TRP A 200 -9.98 -21.37 22.93
C TRP A 200 -11.46 -21.13 22.70
N SER A 201 -12.11 -20.44 23.63
CA SER A 201 -13.51 -20.08 23.47
C SER A 201 -13.69 -19.13 22.31
N GLY A 202 -12.65 -18.37 21.98
CA GLY A 202 -12.69 -17.47 20.85
C GLY A 202 -12.10 -18.00 19.56
N VAL A 203 -11.24 -19.02 19.65
CA VAL A 203 -10.62 -19.57 18.45
C VAL A 203 -11.71 -20.06 17.51
N ASN A 204 -11.53 -19.78 16.21
CA ASN A 204 -12.53 -20.08 15.20
C ASN A 204 -11.97 -19.72 13.84
N VAL A 205 -12.70 -20.12 12.81
CA VAL A 205 -12.43 -19.77 11.43
C VAL A 205 -13.75 -19.51 10.73
N ALA A 206 -13.83 -18.40 10.00
CA ALA A 206 -15.06 -18.00 9.31
C ALA A 206 -16.25 -18.04 10.26
N GLY A 207 -16.00 -17.69 11.52
CA GLY A 207 -17.05 -17.72 12.51
C GLY A 207 -17.52 -19.11 12.87
N VAL A 208 -16.72 -20.12 12.60
CA VAL A 208 -17.01 -21.49 13.01
C VAL A 208 -16.08 -21.81 14.17
N SER A 209 -16.64 -21.87 15.37
CA SER A 209 -15.82 -22.12 16.54
C SER A 209 -15.20 -23.50 16.43
N LEU A 210 -13.90 -23.57 16.72
CA LEU A 210 -13.25 -24.87 16.73
C LEU A 210 -13.51 -25.60 18.04
N GLN A 211 -13.50 -24.87 19.15
CA GLN A 211 -13.86 -25.43 20.45
C GLN A 211 -15.23 -26.08 20.41
N GLU A 212 -16.20 -25.41 19.76
CA GLU A 212 -17.56 -25.90 19.69
C GLU A 212 -17.62 -27.33 19.13
N LEU A 213 -16.95 -27.56 18.01
CA LEU A 213 -17.11 -28.85 17.34
C LEU A 213 -16.29 -29.94 18.02
N ASN A 214 -15.01 -29.68 18.30
CA ASN A 214 -14.19 -30.64 19.04
C ASN A 214 -14.02 -30.20 20.48
N PRO A 215 -14.63 -30.90 21.44
CA PRO A 215 -14.48 -30.50 22.85
C PRO A 215 -13.10 -30.77 23.40
N ALA A 216 -12.30 -31.59 22.71
CA ALA A 216 -11.01 -32.01 23.24
C ALA A 216 -9.95 -30.90 23.23
N MET A 217 -10.28 -29.75 22.67
CA MET A 217 -9.36 -28.62 22.64
C MET A 217 -9.18 -28.04 24.03
N GLY A 218 -8.10 -27.29 24.22
CA GLY A 218 -7.82 -26.63 25.49
C GLY A 218 -7.55 -27.57 26.64
N THR A 219 -6.96 -28.73 26.40
CA THR A 219 -6.92 -29.82 27.35
C THR A 219 -5.52 -30.41 27.43
N ASP A 220 -5.45 -31.55 28.14
CA ASP A 220 -4.22 -32.32 28.20
C ASP A 220 -3.97 -33.10 26.91
N LYS A 221 -5.00 -33.75 26.36
CA LYS A 221 -4.82 -34.60 25.19
C LYS A 221 -5.98 -34.43 24.20
N ASP A 222 -5.66 -34.56 22.92
CA ASP A 222 -6.61 -34.51 21.82
C ASP A 222 -5.97 -35.25 20.65
N SER A 223 -6.79 -35.60 19.65
CA SER A 223 -6.33 -36.22 18.42
C SER A 223 -5.11 -35.51 17.84
N GLU A 224 -5.30 -34.26 17.41
CA GLU A 224 -4.19 -33.41 16.99
C GLU A 224 -3.52 -32.75 18.18
N ASN A 225 -4.02 -32.99 19.39
CA ASN A 225 -3.67 -32.28 20.63
C ASN A 225 -3.41 -30.80 20.33
N TRP A 226 -4.52 -30.13 19.99
CA TRP A 226 -4.48 -28.71 19.63
C TRP A 226 -3.88 -27.85 20.73
N LYS A 227 -3.84 -28.35 21.96
CA LYS A 227 -3.07 -27.65 22.99
C LYS A 227 -1.61 -27.54 22.60
N GLU A 228 -1.13 -28.39 21.70
CA GLU A 228 0.25 -28.25 21.25
C GLU A 228 0.45 -26.95 20.49
N VAL A 229 -0.61 -26.42 19.87
CA VAL A 229 -0.51 -25.14 19.19
C VAL A 229 -0.02 -24.08 20.16
N HIS A 230 -0.71 -23.91 21.28
CA HIS A 230 -0.25 -22.96 22.28
C HIS A 230 1.09 -23.37 22.85
N LYS A 231 1.39 -24.66 22.86
CA LYS A 231 2.73 -25.06 23.26
C LYS A 231 3.73 -24.76 22.16
N GLN A 232 3.27 -24.72 20.91
CA GLN A 232 4.16 -24.35 19.81
C GLN A 232 4.29 -22.83 19.70
N VAL A 233 3.22 -22.10 20.01
CA VAL A 233 3.27 -20.64 20.03
C VAL A 233 4.35 -20.16 20.97
N VAL A 234 4.40 -20.71 22.18
CA VAL A 234 5.39 -20.29 23.14
C VAL A 234 6.75 -20.90 22.81
N GLU A 235 6.74 -22.04 22.12
CA GLU A 235 7.99 -22.72 21.79
C GLU A 235 8.65 -22.08 20.57
N SER A 236 7.86 -21.69 19.58
CA SER A 236 8.43 -21.12 18.36
C SER A 236 9.19 -19.84 18.65
N ALA A 237 8.67 -19.00 19.53
CA ALA A 237 9.37 -17.79 19.91
C ALA A 237 10.83 -18.07 20.25
N TYR A 238 11.08 -19.15 20.98
CA TYR A 238 12.45 -19.52 21.34
C TYR A 238 13.15 -20.22 20.19
N GLU A 239 12.41 -21.05 19.45
CA GLU A 239 13.01 -21.78 18.36
C GLU A 239 13.47 -20.85 17.25
N VAL A 240 12.90 -19.64 17.21
CA VAL A 240 13.48 -18.59 16.39
C VAL A 240 14.67 -17.95 17.09
N ILE A 241 14.60 -17.85 18.42
CA ILE A 241 15.72 -17.32 19.19
C ILE A 241 16.90 -18.28 19.12
N ARG A 242 16.65 -19.58 19.20
CA ARG A 242 17.73 -20.55 19.09
C ARG A 242 18.48 -20.38 17.78
N LEU A 243 17.77 -20.48 16.66
CA LEU A 243 18.41 -20.67 15.37
C LEU A 243 19.24 -19.46 14.96
N LYS A 244 18.63 -18.29 14.85
CA LYS A 244 19.35 -17.11 14.40
C LYS A 244 19.80 -16.19 15.53
N GLY A 245 19.48 -16.51 16.77
CA GLY A 245 19.95 -15.75 17.91
C GLY A 245 18.93 -14.84 18.53
N TYR A 246 17.92 -14.39 17.79
CA TYR A 246 16.83 -13.59 18.34
C TYR A 246 15.82 -13.26 17.25
N THR A 247 14.59 -12.95 17.64
CA THR A 247 13.49 -12.73 16.70
C THR A 247 13.25 -11.24 16.54
N ASN A 248 13.21 -10.79 15.29
CA ASN A 248 13.05 -9.38 15.01
C ASN A 248 11.91 -9.07 14.07
N TRP A 249 11.90 -9.64 12.87
CA TRP A 249 10.91 -9.20 11.89
C TRP A 249 9.51 -9.68 12.22
N ALA A 250 9.36 -10.62 13.14
CA ALA A 250 8.01 -10.91 13.60
C ALA A 250 7.53 -9.82 14.53
N ILE A 251 8.39 -9.42 15.47
CA ILE A 251 7.99 -8.43 16.45
C ILE A 251 8.05 -7.02 15.86
N GLY A 252 8.78 -6.86 14.76
CA GLY A 252 8.80 -5.56 14.11
C GLY A 252 7.60 -5.34 13.22
N LEU A 253 7.05 -6.41 12.66
CA LEU A 253 5.81 -6.30 11.91
C LEU A 253 4.63 -6.12 12.83
N SER A 254 4.71 -6.67 14.03
CA SER A 254 3.66 -6.50 15.01
C SER A 254 3.60 -5.07 15.50
N VAL A 255 4.76 -4.49 15.80
CA VAL A 255 4.84 -3.12 16.25
C VAL A 255 4.39 -2.16 15.16
N ALA A 256 4.78 -2.43 13.93
CA ALA A 256 4.34 -1.60 12.81
C ALA A 256 2.84 -1.68 12.63
N GLU A 257 2.24 -2.79 13.03
CA GLU A 257 0.80 -2.92 12.89
C GLU A 257 0.09 -2.23 14.04
N LEU A 258 0.78 -2.07 15.17
CA LEU A 258 0.28 -1.29 16.30
C LEU A 258 0.42 0.20 16.03
N CYS A 259 1.56 0.62 15.52
CA CYS A 259 1.73 2.01 15.14
C CYS A 259 0.70 2.40 14.08
N GLU A 260 0.32 1.45 13.24
CA GLU A 260 -0.72 1.70 12.25
C GLU A 260 -2.07 1.90 12.90
N THR A 261 -2.41 1.07 13.89
CA THR A 261 -3.69 1.23 14.54
C THR A 261 -3.78 2.57 15.24
N MET A 262 -2.68 2.99 15.86
CA MET A 262 -2.70 4.21 16.64
C MET A 262 -2.56 5.44 15.75
N LEU A 263 -1.60 5.44 14.82
CA LEU A 263 -1.46 6.56 13.92
C LEU A 263 -2.67 6.69 13.00
N LYS A 264 -3.01 5.62 12.28
CA LYS A 264 -4.17 5.71 11.42
C LYS A 264 -5.46 5.73 12.22
N ASN A 265 -5.39 5.60 13.55
CA ASN A 265 -6.54 5.87 14.40
C ASN A 265 -7.68 4.93 14.04
N LEU A 266 -7.37 3.64 13.94
CA LEU A 266 -8.31 2.68 13.39
C LEU A 266 -9.31 2.13 14.39
N TYR A 267 -9.01 2.17 15.68
CA TYR A 267 -9.79 1.47 16.70
C TYR A 267 -9.78 -0.04 16.50
N ARG A 268 -8.64 -0.60 16.11
CA ARG A 268 -8.50 -2.04 15.98
C ARG A 268 -8.20 -2.68 17.31
N VAL A 269 -8.55 -3.95 17.43
CA VAL A 269 -8.40 -4.69 18.66
C VAL A 269 -7.11 -5.48 18.58
N HIS A 270 -6.12 -5.08 19.38
CA HIS A 270 -4.90 -5.82 19.55
C HIS A 270 -4.82 -6.27 20.99
N SER A 271 -4.14 -7.38 21.25
CA SER A 271 -3.91 -7.78 22.63
C SER A 271 -2.58 -7.19 23.08
N VAL A 272 -2.65 -6.21 23.98
CA VAL A 272 -1.48 -5.47 24.39
C VAL A 272 -1.44 -5.40 25.92
N SER A 273 -0.31 -4.98 26.44
CA SER A 273 -0.09 -4.93 27.88
C SER A 273 -0.68 -3.66 28.44
N THR A 274 -1.68 -3.79 29.30
CA THR A 274 -2.33 -2.67 29.95
C THR A 274 -2.67 -3.04 31.38
N LEU A 275 -2.98 -2.03 32.20
CA LEU A 275 -3.30 -2.25 33.61
C LEU A 275 -4.51 -3.14 33.79
N VAL A 276 -4.33 -4.23 34.55
CA VAL A 276 -5.42 -5.17 34.79
C VAL A 276 -6.11 -4.91 36.12
N LYS A 277 -5.69 -3.90 36.87
CA LYS A 277 -6.35 -3.56 38.12
C LYS A 277 -7.85 -3.37 37.91
N GLY A 278 -8.64 -4.08 38.70
CA GLY A 278 -10.08 -3.95 38.66
C GLY A 278 -10.82 -5.05 37.93
N THR A 279 -10.17 -5.78 37.04
CA THR A 279 -10.84 -6.86 36.33
C THR A 279 -10.09 -8.15 36.59
N TYR A 280 -10.78 -9.27 36.34
CA TYR A 280 -10.23 -10.60 36.55
C TYR A 280 -9.62 -10.75 37.94
N GLY A 281 -10.28 -10.15 38.94
CA GLY A 281 -9.90 -10.30 40.33
C GLY A 281 -8.47 -9.94 40.63
N ILE A 282 -8.04 -8.75 40.24
CA ILE A 282 -6.66 -8.31 40.47
C ILE A 282 -6.71 -6.90 41.03
N GLU A 283 -6.27 -6.74 42.27
CA GLU A 283 -6.12 -5.42 42.88
C GLU A 283 -4.78 -4.79 42.59
N ASN A 284 -3.79 -5.57 42.18
CA ASN A 284 -2.45 -5.05 42.00
C ASN A 284 -2.38 -4.24 40.72
N ASP A 285 -1.41 -3.33 40.65
CA ASP A 285 -1.22 -2.58 39.42
C ASP A 285 -0.24 -3.37 38.57
N VAL A 286 -0.79 -4.02 37.55
CA VAL A 286 -0.04 -4.97 36.76
C VAL A 286 -0.50 -4.84 35.32
N PHE A 287 0.47 -4.84 34.41
CA PHE A 287 0.21 -4.79 32.98
C PHE A 287 0.25 -6.20 32.43
N LEU A 288 -0.89 -6.68 31.98
CA LEU A 288 -1.02 -8.02 31.48
C LEU A 288 -1.76 -7.93 30.15
N SER A 289 -1.45 -8.83 29.22
CA SER A 289 -1.89 -8.67 27.84
C SER A 289 -3.37 -9.00 27.72
N LEU A 290 -4.15 -8.02 27.27
CA LEU A 290 -5.57 -8.16 27.13
C LEU A 290 -5.97 -7.53 25.81
N PRO A 291 -6.94 -8.09 25.10
CA PRO A 291 -7.42 -7.43 23.88
C PRO A 291 -7.94 -6.04 24.17
N CYS A 292 -7.42 -5.06 23.45
CA CYS A 292 -7.71 -3.68 23.73
C CYS A 292 -7.93 -2.95 22.43
N VAL A 293 -8.80 -1.96 22.45
CA VAL A 293 -9.06 -1.16 21.26
C VAL A 293 -8.13 0.02 21.25
N LEU A 294 -7.23 0.03 20.27
CA LEU A 294 -6.20 1.06 20.13
C LEU A 294 -6.67 2.14 19.17
N SER A 295 -6.35 3.39 19.49
CA SER A 295 -6.68 4.47 18.58
C SER A 295 -5.59 5.51 18.69
N ALA A 296 -5.87 6.69 18.14
CA ALA A 296 -4.89 7.76 18.20
C ALA A 296 -4.68 8.22 19.63
N SER A 297 -5.74 8.23 20.43
CA SER A 297 -5.66 8.78 21.77
C SER A 297 -4.87 7.89 22.71
N GLY A 298 -4.85 6.60 22.45
CA GLY A 298 -4.18 5.64 23.28
C GLY A 298 -4.90 4.34 23.18
N LEU A 299 -4.84 3.55 24.24
CA LEU A 299 -5.86 2.53 24.40
C LEU A 299 -7.19 3.19 24.69
N THR A 300 -8.16 2.92 23.83
CA THR A 300 -9.50 3.46 24.00
C THR A 300 -10.27 2.66 25.03
N SER A 301 -10.06 1.36 25.05
CA SER A 301 -10.85 0.49 25.90
C SER A 301 -10.19 -0.86 25.98
N VAL A 302 -10.87 -1.78 26.63
CA VAL A 302 -10.49 -3.18 26.68
C VAL A 302 -11.71 -3.99 26.30
N ILE A 303 -11.52 -5.03 25.53
CA ILE A 303 -12.55 -6.03 25.34
C ILE A 303 -12.59 -6.91 26.59
N ASN A 304 -13.80 -7.22 27.03
CA ASN A 304 -14.00 -8.08 28.19
C ASN A 304 -14.11 -9.52 27.74
N GLN A 305 -13.09 -10.29 28.07
CA GLN A 305 -12.91 -11.64 27.57
C GLN A 305 -13.59 -12.60 28.53
N LYS A 306 -14.54 -13.38 28.02
CA LYS A 306 -15.20 -14.35 28.88
C LYS A 306 -14.36 -15.61 28.98
N LEU A 307 -13.88 -15.87 30.19
CA LEU A 307 -12.87 -16.89 30.36
C LEU A 307 -13.41 -17.99 31.27
N LYS A 308 -12.90 -19.20 31.04
CA LYS A 308 -13.06 -20.28 32.01
C LYS A 308 -12.50 -19.82 33.35
N ASP A 309 -13.11 -20.32 34.43
CA ASP A 309 -12.57 -20.15 35.76
C ASP A 309 -11.08 -20.46 35.74
N ASP A 310 -10.74 -21.53 35.02
CA ASP A 310 -9.35 -21.96 34.94
C ASP A 310 -8.50 -20.95 34.20
N GLU A 311 -9.10 -20.26 33.23
CA GLU A 311 -8.37 -19.28 32.45
C GLU A 311 -8.18 -17.99 33.22
N VAL A 312 -9.22 -17.51 33.90
CA VAL A 312 -9.05 -16.36 34.79
C VAL A 312 -8.00 -16.67 35.85
N ALA A 313 -7.85 -17.95 36.20
CA ALA A 313 -6.86 -18.34 37.19
C ALA A 313 -5.45 -18.07 36.67
N GLN A 314 -5.19 -18.43 35.42
CA GLN A 314 -3.86 -18.21 34.86
C GLN A 314 -3.53 -16.73 34.81
N LEU A 315 -4.50 -15.89 34.46
CA LEU A 315 -4.30 -14.45 34.59
C LEU A 315 -3.99 -14.08 36.04
N LYS A 316 -4.88 -14.43 36.96
CA LYS A 316 -4.72 -14.11 38.38
C LYS A 316 -3.36 -14.55 38.88
N LYS A 317 -3.03 -15.84 38.72
CA LYS A 317 -1.75 -16.31 39.21
C LYS A 317 -0.59 -15.60 38.53
N SER A 318 -0.60 -15.56 37.19
CA SER A 318 0.51 -14.97 36.47
C SER A 318 0.60 -13.47 36.71
N ALA A 319 -0.52 -12.85 37.06
CA ALA A 319 -0.46 -11.47 37.53
C ALA A 319 0.39 -11.36 38.78
N ASP A 320 0.24 -12.33 39.69
CA ASP A 320 0.99 -12.31 40.95
C ASP A 320 2.47 -12.59 40.70
N THR A 321 2.77 -13.54 39.81
CA THR A 321 4.15 -13.80 39.44
C THR A 321 4.86 -12.52 39.03
N LEU A 322 4.14 -11.61 38.36
CA LEU A 322 4.73 -10.33 38.00
C LEU A 322 4.91 -9.45 39.23
N TRP A 323 3.83 -9.24 39.97
CA TRP A 323 3.83 -8.31 41.09
C TRP A 323 4.70 -8.83 42.23
N SER A 324 4.79 -10.15 42.38
CA SER A 324 5.70 -10.70 43.38
C SER A 324 7.12 -10.20 43.17
N ILE A 325 7.55 -10.12 41.90
CA ILE A 325 8.85 -9.54 41.58
C ILE A 325 8.74 -8.09 41.10
N GLN A 326 7.53 -7.55 41.06
CA GLN A 326 7.33 -6.14 40.76
C GLN A 326 7.16 -5.31 42.02
N LYS A 327 7.17 -5.95 43.19
CA LYS A 327 7.10 -5.23 44.46
C LYS A 327 8.43 -4.62 44.85
N ASP A 328 9.53 -5.26 44.48
CA ASP A 328 10.87 -4.80 44.84
C ASP A 328 11.48 -3.85 43.83
N LEU A 329 10.72 -3.39 42.84
CA LEU A 329 11.25 -2.44 41.88
C LEU A 329 11.66 -1.15 42.58
N LYS A 330 12.87 -0.70 42.32
CA LYS A 330 13.39 0.54 42.89
C LYS A 330 13.36 1.61 41.81
N ASP A 331 12.41 2.54 41.93
CA ASP A 331 12.26 3.60 40.93
C ASP A 331 12.92 4.89 41.43
N ALA B 1 -13.17 -36.35 14.45
CA ALA B 1 -11.84 -36.59 14.99
C ALA B 1 -10.79 -35.67 14.34
N THR B 2 -11.23 -34.80 13.44
CA THR B 2 -10.34 -33.82 12.81
C THR B 2 -11.09 -32.51 12.61
N LEU B 3 -10.40 -31.40 12.90
CA LEU B 3 -10.97 -30.09 12.55
C LEU B 3 -10.93 -29.87 11.04
N LYS B 4 -9.74 -30.00 10.44
CA LYS B 4 -9.56 -29.75 9.01
C LYS B 4 -10.55 -30.55 8.17
N GLU B 5 -10.79 -31.81 8.52
CA GLU B 5 -11.77 -32.60 7.77
C GLU B 5 -13.17 -32.03 7.95
N LYS B 6 -13.54 -31.71 9.20
CA LYS B 6 -14.90 -31.28 9.48
C LYS B 6 -15.12 -29.83 9.07
N LEU B 7 -14.10 -28.99 9.22
CA LEU B 7 -14.28 -27.57 8.93
C LEU B 7 -14.17 -27.24 7.44
N ILE B 8 -13.17 -27.76 6.75
CA ILE B 8 -12.78 -27.23 5.45
C ILE B 8 -13.03 -28.28 4.38
N THR B 9 -14.05 -28.03 3.54
CA THR B 9 -14.49 -28.96 2.50
C THR B 9 -13.87 -28.61 1.16
N PRO B 10 -12.95 -29.42 0.65
CA PRO B 10 -12.23 -29.05 -0.59
C PRO B 10 -13.16 -28.93 -1.79
N VAL B 11 -13.10 -27.78 -2.46
CA VAL B 11 -13.79 -27.55 -3.72
C VAL B 11 -12.89 -27.79 -4.92
N THR B 16 -1.72 -26.97 -6.52
CA THR B 16 -1.23 -25.56 -6.49
C THR B 16 -0.08 -25.24 -7.45
N VAL B 17 0.58 -24.11 -7.20
CA VAL B 17 1.71 -23.62 -7.99
C VAL B 17 2.04 -22.22 -7.50
N PRO B 18 3.32 -21.83 -7.49
CA PRO B 18 3.66 -20.42 -7.24
C PRO B 18 3.22 -19.53 -8.39
N SER B 19 2.79 -18.32 -8.05
CA SER B 19 2.35 -17.35 -9.04
C SER B 19 3.40 -16.29 -9.31
N ASN B 20 3.61 -15.37 -8.37
CA ASN B 20 4.59 -14.29 -8.47
C ASN B 20 5.90 -14.62 -7.78
N LYS B 21 6.11 -15.89 -7.46
CA LYS B 21 7.14 -16.31 -6.52
C LYS B 21 8.47 -15.63 -6.75
N ILE B 22 9.10 -15.22 -5.65
CA ILE B 22 10.43 -14.64 -5.63
C ILE B 22 11.28 -15.49 -4.72
N THR B 23 12.50 -15.75 -5.13
CA THR B 23 13.47 -16.43 -4.30
C THR B 23 14.55 -15.42 -3.95
N VAL B 24 14.94 -15.39 -2.69
CA VAL B 24 16.10 -14.62 -2.27
C VAL B 24 17.19 -15.61 -1.91
N VAL B 25 18.36 -15.47 -2.52
CA VAL B 25 19.48 -16.35 -2.25
C VAL B 25 20.35 -15.70 -1.19
N GLY B 26 20.41 -16.32 -0.02
CA GLY B 26 21.10 -15.83 1.16
C GLY B 26 20.14 -15.21 2.17
N VAL B 27 20.44 -15.46 3.44
CA VAL B 27 19.76 -14.88 4.59
C VAL B 27 20.60 -13.81 5.28
N GLY B 28 21.69 -13.38 4.68
CA GLY B 28 22.59 -12.47 5.34
C GLY B 28 21.96 -11.12 5.58
N GLN B 29 22.76 -10.22 6.15
CA GLN B 29 22.31 -8.88 6.53
C GLN B 29 21.51 -8.24 5.39
N VAL B 30 22.05 -8.31 4.18
CA VAL B 30 21.40 -7.75 3.00
C VAL B 30 20.36 -8.67 2.36
N GLY B 31 20.43 -9.98 2.60
CA GLY B 31 19.46 -10.87 1.99
C GLY B 31 18.15 -10.92 2.75
N MET B 32 18.21 -10.67 4.06
CA MET B 32 16.97 -10.54 4.81
C MET B 32 16.45 -9.11 4.77
N ALA B 33 17.27 -8.17 4.35
CA ALA B 33 16.75 -6.85 4.05
C ALA B 33 15.88 -6.89 2.83
N CYS B 34 16.30 -7.64 1.80
CA CYS B 34 15.51 -7.72 0.59
C CYS B 34 14.22 -8.47 0.82
N ALA B 35 14.27 -9.56 1.59
CA ALA B 35 13.06 -10.32 1.86
C ALA B 35 12.03 -9.47 2.56
N ILE B 36 12.41 -8.82 3.67
CA ILE B 36 11.40 -8.12 4.45
C ILE B 36 10.94 -6.88 3.73
N SER B 37 11.70 -6.41 2.74
CA SER B 37 11.21 -5.33 1.91
C SER B 37 10.29 -5.86 0.83
N ILE B 38 10.62 -7.03 0.28
CA ILE B 38 9.75 -7.64 -0.72
C ILE B 38 8.44 -8.05 -0.10
N LEU B 39 8.49 -8.61 1.11
CA LEU B 39 7.27 -8.97 1.82
C LEU B 39 6.54 -7.73 2.28
N GLY B 40 7.28 -6.69 2.65
CA GLY B 40 6.65 -5.45 3.08
C GLY B 40 5.91 -4.76 1.97
N LYS B 41 6.22 -5.08 0.73
CA LYS B 41 5.50 -4.56 -0.42
C LYS B 41 4.46 -5.53 -0.95
N GLY B 42 4.38 -6.74 -0.39
CA GLY B 42 3.43 -7.73 -0.86
C GLY B 42 3.61 -8.12 -2.30
N LEU B 43 4.86 -8.15 -2.79
CA LEU B 43 5.10 -8.47 -4.18
C LEU B 43 4.91 -9.96 -4.46
N CYS B 44 5.57 -10.79 -3.66
CA CYS B 44 5.67 -12.21 -3.92
C CYS B 44 4.46 -12.92 -3.35
N ASP B 45 3.89 -13.82 -4.15
CA ASP B 45 2.83 -14.68 -3.63
C ASP B 45 3.42 -15.85 -2.85
N GLU B 46 4.65 -16.23 -3.17
CA GLU B 46 5.48 -17.14 -2.38
C GLU B 46 6.86 -16.53 -2.29
N LEU B 47 7.48 -16.61 -1.12
CA LEU B 47 8.86 -16.19 -0.96
C LEU B 47 9.68 -17.41 -0.57
N ALA B 48 10.60 -17.79 -1.45
CA ALA B 48 11.53 -18.86 -1.16
C ALA B 48 12.85 -18.26 -0.69
N LEU B 49 13.42 -18.82 0.36
CA LEU B 49 14.73 -18.43 0.83
C LEU B 49 15.66 -19.62 0.70
N VAL B 50 16.90 -19.37 0.31
CA VAL B 50 17.91 -20.42 0.21
C VAL B 50 19.21 -19.85 0.73
N ASP B 51 19.90 -20.62 1.56
CA ASP B 51 21.26 -20.27 1.92
C ASP B 51 21.98 -21.53 2.39
N VAL B 52 23.30 -21.43 2.44
CA VAL B 52 24.15 -22.57 2.80
C VAL B 52 24.06 -22.95 4.26
N LEU B 53 23.37 -22.17 5.08
CA LEU B 53 23.21 -22.48 6.50
C LEU B 53 21.93 -23.26 6.71
N GLU B 54 21.99 -24.22 7.63
CA GLU B 54 20.84 -25.08 7.90
C GLU B 54 19.82 -24.39 8.78
N ASP B 55 20.26 -23.64 9.76
CA ASP B 55 19.43 -23.28 10.93
C ASP B 55 18.94 -21.84 10.84
N LYS B 56 19.88 -20.88 10.78
CA LYS B 56 19.50 -19.49 10.56
C LYS B 56 18.50 -19.37 9.42
N LEU B 57 18.73 -20.10 8.33
CA LEU B 57 17.76 -20.16 7.25
C LEU B 57 16.40 -20.60 7.76
N LYS B 58 16.36 -21.63 8.60
CA LYS B 58 15.10 -22.05 9.18
C LYS B 58 14.60 -21.06 10.20
N GLY B 59 15.52 -20.28 10.79
CA GLY B 59 15.11 -19.27 11.74
C GLY B 59 14.64 -18.00 11.07
N GLU B 60 15.24 -17.65 9.93
CA GLU B 60 14.77 -16.51 9.15
C GLU B 60 13.40 -16.81 8.56
N MET B 61 13.17 -18.03 8.13
CA MET B 61 11.86 -18.41 7.63
C MET B 61 10.80 -18.33 8.71
N MET B 62 11.08 -18.89 9.88
CA MET B 62 10.08 -18.92 10.94
C MET B 62 9.83 -17.54 11.49
N ASP B 63 10.86 -16.69 11.51
CA ASP B 63 10.66 -15.35 12.02
C ASP B 63 9.80 -14.54 11.06
N LEU B 64 9.91 -14.80 9.76
CA LEU B 64 9.02 -14.17 8.80
C LEU B 64 7.63 -14.79 8.87
N GLN B 65 7.53 -16.11 8.89
CA GLN B 65 6.23 -16.75 8.90
C GLN B 65 5.39 -16.32 10.09
N HIS B 66 6.03 -16.06 11.23
CA HIS B 66 5.26 -15.64 12.39
C HIS B 66 4.60 -14.29 12.15
N GLY B 67 5.16 -13.49 11.27
CA GLY B 67 4.55 -12.25 10.86
C GLY B 67 3.61 -12.39 9.69
N SER B 68 3.30 -13.60 9.26
CA SER B 68 2.45 -13.79 8.08
C SER B 68 1.09 -13.16 8.27
N LEU B 69 0.61 -13.07 9.51
CA LEU B 69 -0.60 -12.31 9.77
C LEU B 69 -0.48 -10.89 9.25
N PHE B 70 0.71 -10.32 9.28
CA PHE B 70 0.92 -8.92 8.95
C PHE B 70 1.35 -8.73 7.52
N LEU B 71 1.44 -9.82 6.76
CA LEU B 71 2.00 -9.80 5.43
C LEU B 71 0.94 -10.15 4.42
N GLN B 72 1.12 -9.68 3.19
CA GLN B 72 0.30 -10.10 2.07
C GLN B 72 0.85 -11.34 1.40
N THR B 73 1.88 -11.96 1.96
CA THR B 73 2.45 -13.16 1.37
C THR B 73 1.87 -14.36 2.08
N HIS B 74 1.51 -15.38 1.30
CA HIS B 74 0.93 -16.55 1.91
C HIS B 74 1.99 -17.55 2.33
N LYS B 75 2.73 -18.10 1.37
CA LYS B 75 3.69 -19.16 1.64
C LYS B 75 5.09 -18.58 1.65
N ILE B 76 5.76 -18.66 2.79
CA ILE B 76 7.17 -18.31 2.92
C ILE B 76 7.91 -19.60 3.22
N VAL B 77 8.71 -20.07 2.26
CA VAL B 77 9.42 -21.33 2.40
C VAL B 77 10.92 -21.05 2.33
N ALA B 78 11.68 -21.82 3.09
CA ALA B 78 13.14 -21.73 3.06
C ALA B 78 13.74 -23.11 3.22
N ASP B 79 14.59 -23.50 2.28
CA ASP B 79 15.35 -24.73 2.39
C ASP B 79 16.76 -24.49 1.88
N LYS B 80 17.68 -25.35 2.30
CA LYS B 80 19.03 -25.31 1.76
C LYS B 80 19.13 -25.94 0.38
N ASP B 81 18.23 -26.85 0.02
CA ASP B 81 18.14 -27.29 -1.35
C ASP B 81 17.29 -26.32 -2.18
N TYR B 82 17.56 -26.30 -3.46
CA TYR B 82 16.93 -25.39 -4.40
C TYR B 82 15.63 -25.93 -4.96
N ALA B 83 15.11 -27.04 -4.44
CA ALA B 83 13.75 -27.43 -4.79
C ALA B 83 12.76 -26.31 -4.52
N VAL B 84 12.93 -25.59 -3.41
CA VAL B 84 12.02 -24.50 -3.07
C VAL B 84 12.07 -23.41 -4.14
N THR B 85 13.25 -23.18 -4.71
CA THR B 85 13.42 -22.18 -5.75
C THR B 85 12.51 -22.39 -6.94
N ALA B 86 11.95 -23.59 -7.12
CA ALA B 86 11.21 -23.90 -8.33
C ALA B 86 10.09 -22.90 -8.57
N ASN B 87 9.87 -22.59 -9.86
CA ASN B 87 8.83 -21.69 -10.32
C ASN B 87 9.04 -20.25 -9.89
N SER B 88 10.28 -19.84 -9.64
CA SER B 88 10.54 -18.47 -9.22
C SER B 88 10.42 -17.52 -10.40
N LYS B 89 9.67 -16.45 -10.20
CA LYS B 89 9.53 -15.44 -11.25
C LYS B 89 10.77 -14.56 -11.29
N ILE B 90 11.41 -14.38 -10.14
CA ILE B 90 12.62 -13.61 -10.00
C ILE B 90 13.46 -14.32 -8.95
N VAL B 91 14.75 -14.39 -9.17
CA VAL B 91 15.66 -14.96 -8.17
C VAL B 91 16.65 -13.87 -7.80
N VAL B 92 16.56 -13.41 -6.57
CA VAL B 92 17.43 -12.35 -6.08
C VAL B 92 18.62 -13.03 -5.46
N VAL B 93 19.80 -12.82 -6.04
CA VAL B 93 21.00 -13.50 -5.60
C VAL B 93 21.78 -12.53 -4.73
N THR B 94 21.73 -12.75 -3.44
CA THR B 94 22.52 -12.00 -2.48
C THR B 94 23.75 -12.77 -2.03
N ALA B 95 23.89 -14.02 -2.46
CA ALA B 95 24.94 -14.89 -1.94
C ALA B 95 26.31 -14.36 -2.32
N GLY B 96 27.16 -14.20 -1.31
CA GLY B 96 28.52 -13.74 -1.51
C GLY B 96 29.30 -13.93 -0.23
N VAL B 97 30.61 -14.06 -0.38
CA VAL B 97 31.45 -14.46 0.73
C VAL B 97 32.21 -13.24 1.25
N LEU B 108 38.87 -10.63 -5.59
CA LEU B 108 38.02 -11.53 -4.82
C LEU B 108 36.90 -12.14 -5.63
N VAL B 109 36.77 -11.74 -6.90
CA VAL B 109 35.70 -12.27 -7.74
C VAL B 109 35.76 -13.78 -7.84
N GLN B 110 36.96 -14.33 -8.07
CA GLN B 110 37.05 -15.76 -8.38
C GLN B 110 36.71 -16.61 -7.16
N ARG B 111 36.62 -15.98 -5.98
CA ARG B 111 36.00 -16.68 -4.86
C ARG B 111 34.48 -16.68 -4.99
N ASN B 112 33.90 -15.53 -5.34
CA ASN B 112 32.47 -15.48 -5.57
C ASN B 112 32.07 -16.38 -6.73
N VAL B 113 32.96 -16.56 -7.70
CA VAL B 113 32.63 -17.44 -8.81
C VAL B 113 32.70 -18.89 -8.37
N ASN B 114 33.31 -19.15 -7.21
CA ASN B 114 33.16 -20.47 -6.63
C ASN B 114 31.74 -20.70 -6.15
N VAL B 115 31.14 -19.68 -5.52
CA VAL B 115 29.77 -19.81 -5.03
C VAL B 115 28.80 -19.86 -6.20
N PHE B 116 28.98 -18.99 -7.21
CA PHE B 116 27.98 -18.94 -8.26
C PHE B 116 28.06 -20.15 -9.17
N LYS B 117 29.21 -20.81 -9.26
CA LYS B 117 29.19 -22.12 -9.88
C LYS B 117 28.35 -23.09 -9.05
N PHE B 118 28.36 -22.91 -7.73
CA PHE B 118 27.76 -23.79 -6.75
C PHE B 118 26.27 -23.59 -6.63
N ILE B 119 25.75 -22.39 -6.98
CA ILE B 119 24.37 -22.00 -6.73
C ILE B 119 23.63 -21.68 -8.03
N ILE B 120 24.13 -20.72 -8.81
CA ILE B 120 23.46 -20.26 -10.03
C ILE B 120 22.95 -21.38 -10.94
N PRO B 121 23.69 -22.46 -11.20
CA PRO B 121 23.09 -23.52 -12.03
C PRO B 121 22.04 -24.33 -11.29
N GLN B 122 22.05 -24.30 -9.96
CA GLN B 122 20.94 -24.89 -9.20
C GLN B 122 19.71 -23.98 -9.23
N ILE B 123 19.92 -22.67 -9.20
CA ILE B 123 18.84 -21.72 -9.45
C ILE B 123 18.13 -22.04 -10.75
N VAL B 124 18.88 -22.24 -11.83
CA VAL B 124 18.29 -22.37 -13.14
C VAL B 124 17.77 -23.78 -13.42
N LYS B 125 18.22 -24.78 -12.67
CA LYS B 125 17.68 -26.11 -12.90
C LYS B 125 16.22 -26.17 -12.50
N TYR B 126 15.88 -25.60 -11.35
CA TYR B 126 14.52 -25.63 -10.82
C TYR B 126 13.61 -24.55 -11.37
N SER B 127 14.14 -23.45 -11.90
CA SER B 127 13.27 -22.35 -12.28
C SER B 127 13.78 -21.67 -13.54
N PRO B 128 13.54 -22.24 -14.71
CA PRO B 128 14.23 -21.80 -15.92
C PRO B 128 13.84 -20.40 -16.39
N ASN B 129 12.64 -19.97 -16.03
CA ASN B 129 12.13 -18.70 -16.55
C ASN B 129 12.61 -17.52 -15.71
N CYS B 130 13.20 -17.81 -14.55
CA CYS B 130 13.47 -16.78 -13.56
C CYS B 130 14.29 -15.65 -14.14
N THR B 131 13.98 -14.42 -13.73
CA THR B 131 14.93 -13.35 -13.87
C THR B 131 15.90 -13.45 -12.71
N ILE B 132 17.17 -13.29 -12.97
CA ILE B 132 18.17 -13.33 -11.90
C ILE B 132 18.63 -11.92 -11.64
N LEU B 133 18.31 -11.42 -10.45
CA LEU B 133 18.79 -10.14 -9.98
C LEU B 133 19.97 -10.40 -9.07
N VAL B 134 21.12 -9.80 -9.37
CA VAL B 134 22.33 -10.04 -8.61
C VAL B 134 22.58 -8.84 -7.73
N VAL B 135 22.45 -9.03 -6.42
CA VAL B 135 22.60 -7.96 -5.46
C VAL B 135 24.02 -7.88 -4.90
N SER B 136 24.83 -8.91 -5.08
CA SER B 136 26.03 -9.09 -4.29
C SER B 136 27.23 -8.37 -4.89
N ASN B 137 28.05 -7.78 -4.04
CA ASN B 137 29.28 -7.14 -4.46
C ASN B 137 30.43 -8.12 -4.67
N PRO B 138 31.22 -7.92 -5.75
CA PRO B 138 31.06 -6.96 -6.84
C PRO B 138 29.87 -7.28 -7.72
N VAL B 139 29.05 -6.28 -7.99
CA VAL B 139 27.78 -6.55 -8.66
C VAL B 139 27.98 -6.68 -10.16
N ASP B 140 28.89 -5.90 -10.72
CA ASP B 140 29.05 -5.86 -12.17
C ASP B 140 29.66 -7.14 -12.70
N ILE B 141 30.61 -7.71 -11.96
CA ILE B 141 31.28 -8.91 -12.43
C ILE B 141 30.46 -10.15 -12.09
N LEU B 142 29.93 -10.19 -10.87
CA LEU B 142 29.09 -11.32 -10.47
C LEU B 142 27.80 -11.35 -11.27
N THR B 143 27.50 -10.27 -11.98
CA THR B 143 26.42 -10.30 -12.95
C THR B 143 26.86 -10.99 -14.24
N TYR B 144 28.10 -10.76 -14.66
CA TYR B 144 28.65 -11.52 -15.77
C TYR B 144 28.82 -12.97 -15.39
N VAL B 145 29.43 -13.20 -14.23
CA VAL B 145 29.62 -14.56 -13.74
C VAL B 145 28.32 -15.33 -13.80
N THR B 146 27.19 -14.67 -13.49
CA THR B 146 25.92 -15.36 -13.42
C THR B 146 25.23 -15.38 -14.77
N TRP B 147 25.67 -14.55 -15.71
CA TRP B 147 25.18 -14.68 -17.08
C TRP B 147 25.91 -15.77 -17.83
N LYS B 148 27.23 -15.87 -17.62
CA LYS B 148 27.98 -16.96 -18.24
C LYS B 148 27.41 -18.31 -17.90
N LEU B 149 27.30 -18.63 -16.61
CA LEU B 149 27.11 -20.01 -16.22
C LEU B 149 25.65 -20.37 -15.98
N SER B 150 24.72 -19.42 -16.13
CA SER B 150 23.30 -19.73 -16.04
C SER B 150 22.65 -20.06 -17.37
N GLY B 151 23.27 -19.72 -18.49
CA GLY B 151 22.64 -19.91 -19.77
C GLY B 151 21.31 -19.23 -19.96
N LEU B 152 21.03 -18.14 -19.23
CA LEU B 152 19.86 -17.30 -19.45
C LEU B 152 20.18 -16.21 -20.47
N PRO B 153 19.16 -15.68 -21.14
CA PRO B 153 19.38 -14.57 -22.06
C PRO B 153 20.01 -13.37 -21.38
N LYS B 154 20.52 -12.47 -22.22
CA LYS B 154 21.08 -11.21 -21.72
C LYS B 154 20.07 -10.46 -20.88
N HIS B 155 18.79 -10.51 -21.25
CA HIS B 155 17.80 -9.65 -20.61
C HIS B 155 17.23 -10.25 -19.33
N ARG B 156 17.48 -11.52 -19.04
CA ARG B 156 16.99 -12.14 -17.83
C ARG B 156 18.00 -12.23 -16.72
N VAL B 157 19.21 -11.72 -16.90
CA VAL B 157 20.20 -11.71 -15.84
C VAL B 157 20.74 -10.30 -15.72
N ILE B 158 20.45 -9.65 -14.61
CA ILE B 158 20.86 -8.27 -14.37
C ILE B 158 21.17 -8.13 -12.90
N GLY B 159 22.10 -7.26 -12.57
CA GLY B 159 22.48 -7.02 -11.21
C GLY B 159 21.88 -5.72 -10.74
N SER B 160 21.88 -5.51 -9.43
CA SER B 160 21.35 -4.27 -8.89
C SER B 160 22.07 -3.08 -9.48
N GLY B 161 23.38 -3.02 -9.28
CA GLY B 161 24.16 -1.99 -9.94
C GLY B 161 24.02 -0.66 -9.26
N CYS B 162 23.93 0.39 -10.07
CA CYS B 162 23.89 1.75 -9.58
C CYS B 162 22.48 2.23 -9.28
N ASN B 163 21.51 1.32 -9.32
CA ASN B 163 20.18 1.62 -8.83
C ASN B 163 20.23 2.28 -7.47
N LEU B 164 20.88 1.64 -6.50
CA LEU B 164 20.96 2.23 -5.17
C LEU B 164 21.85 3.47 -5.18
N ASP B 165 22.95 3.45 -5.95
CA ASP B 165 23.74 4.66 -6.13
C ASP B 165 22.86 5.80 -6.62
N THR B 166 21.99 5.52 -7.61
CA THR B 166 21.06 6.54 -8.08
C THR B 166 20.10 6.96 -6.97
N ALA B 167 19.74 6.03 -6.09
CA ALA B 167 18.86 6.35 -4.97
C ALA B 167 19.57 7.21 -3.94
N ARG B 168 20.77 6.81 -3.52
CA ARG B 168 21.57 7.66 -2.64
C ARG B 168 21.83 9.00 -3.27
N PHE B 169 22.01 9.03 -4.59
CA PHE B 169 22.33 10.29 -5.26
C PHE B 169 21.15 11.23 -5.26
N ARG B 170 19.94 10.70 -5.32
CA ARG B 170 18.77 11.54 -5.32
C ARG B 170 18.43 12.03 -3.93
N TYR B 171 18.68 11.21 -2.92
CA TYR B 171 18.46 11.69 -1.57
C TYR B 171 19.39 12.83 -1.24
N LEU B 172 20.66 12.71 -1.64
CA LEU B 172 21.62 13.79 -1.44
C LEU B 172 21.24 15.01 -2.25
N MET B 173 20.99 14.81 -3.54
CA MET B 173 20.61 15.91 -4.41
C MET B 173 19.34 16.60 -3.92
N ALA B 174 18.47 15.86 -3.21
CA ALA B 174 17.27 16.47 -2.65
C ALA B 174 17.55 17.14 -1.32
N GLU B 175 18.32 16.48 -0.45
CA GLU B 175 18.58 17.06 0.86
C GLU B 175 19.21 18.45 0.74
N ARG B 176 20.07 18.64 -0.26
CA ARG B 176 20.61 19.97 -0.52
C ARG B 176 19.53 20.92 -1.01
N LEU B 177 18.51 20.39 -1.67
CA LEU B 177 17.38 21.21 -2.10
C LEU B 177 16.17 21.12 -1.18
N GLY B 178 16.21 20.27 -0.16
CA GLY B 178 15.10 20.15 0.75
C GLY B 178 13.86 19.47 0.21
N ILE B 179 13.87 19.05 -1.06
CA ILE B 179 12.69 18.43 -1.65
C ILE B 179 12.74 16.93 -1.42
N HIS B 180 11.79 16.21 -1.99
CA HIS B 180 11.68 14.78 -1.76
C HIS B 180 12.44 14.03 -2.86
N PRO B 181 13.17 12.97 -2.49
CA PRO B 181 14.06 12.35 -3.47
C PRO B 181 13.40 11.91 -4.75
N THR B 182 12.09 11.68 -4.73
CA THR B 182 11.42 11.27 -5.95
C THR B 182 11.36 12.41 -6.95
N SER B 183 11.51 13.64 -6.48
CA SER B 183 11.39 14.81 -7.33
C SER B 183 12.68 15.11 -8.09
N CYS B 184 13.82 14.85 -7.45
CA CYS B 184 15.10 15.21 -8.05
C CYS B 184 15.68 14.04 -8.81
N HIS B 185 15.76 14.18 -10.13
CA HIS B 185 16.05 13.08 -11.03
C HIS B 185 17.50 13.20 -11.46
N GLY B 186 18.33 12.26 -11.03
CA GLY B 186 19.69 12.20 -11.50
C GLY B 186 20.21 10.77 -11.40
N TRP B 187 21.19 10.47 -12.24
CA TRP B 187 21.53 9.08 -12.52
C TRP B 187 22.97 8.80 -12.19
N ILE B 188 23.23 7.50 -12.03
CA ILE B 188 24.56 6.97 -11.78
C ILE B 188 24.75 5.80 -12.71
N LEU B 189 25.77 5.87 -13.57
CA LEU B 189 26.06 4.83 -14.53
C LEU B 189 27.44 4.28 -14.27
N GLY B 190 27.68 3.06 -14.72
CA GLY B 190 29.02 2.52 -14.76
C GLY B 190 29.36 1.64 -13.59
N GLU B 191 30.66 1.48 -13.37
CA GLU B 191 31.17 0.59 -12.34
C GLU B 191 30.77 1.11 -10.97
N HIS B 192 30.85 0.22 -9.97
CA HIS B 192 30.25 0.50 -8.67
C HIS B 192 31.25 1.08 -7.69
N GLY B 193 32.47 1.37 -8.13
CA GLY B 193 33.47 1.95 -7.25
C GLY B 193 33.42 3.47 -7.26
N ASP B 194 34.59 4.08 -7.09
CA ASP B 194 34.73 5.52 -7.31
C ASP B 194 34.46 5.86 -8.77
N SER B 195 34.38 4.82 -9.60
CA SER B 195 34.34 4.92 -11.04
C SER B 195 32.93 5.03 -11.62
N SER B 196 31.91 5.16 -10.77
CA SER B 196 30.55 5.38 -11.25
C SER B 196 30.48 6.69 -12.01
N VAL B 197 29.54 6.79 -12.94
CA VAL B 197 29.36 7.99 -13.73
C VAL B 197 28.09 8.68 -13.24
N ALA B 198 28.23 9.83 -12.61
CA ALA B 198 27.07 10.62 -12.30
C ALA B 198 26.84 11.56 -13.46
N VAL B 199 25.81 11.31 -14.24
CA VAL B 199 25.55 12.11 -15.42
C VAL B 199 24.81 13.36 -14.95
N TRP B 200 25.46 14.50 -15.10
CA TRP B 200 24.90 15.76 -14.64
C TRP B 200 24.05 16.41 -15.72
N SER B 201 24.16 15.92 -16.95
CA SER B 201 23.32 16.41 -18.04
C SER B 201 21.86 16.06 -17.78
N GLY B 202 21.61 15.02 -17.00
CA GLY B 202 20.26 14.64 -16.65
C GLY B 202 19.78 15.13 -15.31
N VAL B 203 20.69 15.48 -14.41
CA VAL B 203 20.29 15.95 -13.09
C VAL B 203 19.41 17.18 -13.23
N ASN B 204 18.34 17.23 -12.45
CA ASN B 204 17.35 18.29 -12.54
C ASN B 204 16.31 18.10 -11.44
N VAL B 205 15.46 19.10 -11.30
CA VAL B 205 14.32 19.07 -10.39
C VAL B 205 13.16 19.76 -11.08
N ALA B 206 11.99 19.12 -11.04
CA ALA B 206 10.79 19.62 -11.70
C ALA B 206 11.08 20.00 -13.16
N GLY B 207 11.96 19.23 -13.79
CA GLY B 207 12.34 19.52 -15.15
C GLY B 207 13.17 20.77 -15.32
N VAL B 208 13.79 21.26 -14.25
CA VAL B 208 14.70 22.38 -14.31
C VAL B 208 16.10 21.82 -14.18
N SER B 209 16.84 21.81 -15.28
CA SER B 209 18.18 21.25 -15.25
C SER B 209 19.06 22.06 -14.31
N LEU B 210 19.81 21.37 -13.46
CA LEU B 210 20.74 22.07 -12.60
C LEU B 210 22.02 22.42 -13.33
N GLN B 211 22.50 21.50 -14.17
CA GLN B 211 23.65 21.76 -15.03
C GLN B 211 23.43 23.01 -15.87
N GLU B 212 22.22 23.16 -16.43
CA GLU B 212 21.91 24.29 -17.29
C GLU B 212 22.20 25.62 -16.61
N LEU B 213 21.71 25.79 -15.38
CA LEU B 213 21.80 27.10 -14.75
C LEU B 213 23.20 27.35 -14.20
N ASN B 214 23.77 26.40 -13.45
CA ASN B 214 25.14 26.53 -12.96
C ASN B 214 26.08 25.67 -13.79
N PRO B 215 26.95 26.28 -14.61
CA PRO B 215 27.88 25.47 -15.41
C PRO B 215 28.96 24.80 -14.58
N ALA B 216 29.17 25.25 -13.34
CA ALA B 216 30.28 24.77 -12.54
C ALA B 216 30.08 23.35 -12.04
N MET B 217 28.94 22.74 -12.31
CA MET B 217 28.68 21.36 -11.91
C MET B 217 29.51 20.40 -12.74
N GLY B 218 29.67 19.18 -12.23
CA GLY B 218 30.41 18.14 -12.94
C GLY B 218 31.89 18.43 -13.12
N THR B 219 32.52 19.12 -12.19
CA THR B 219 33.83 19.70 -12.39
C THR B 219 34.73 19.43 -11.19
N ASP B 220 35.89 20.10 -11.22
CA ASP B 220 36.80 20.07 -10.09
C ASP B 220 36.30 20.94 -8.93
N LYS B 221 35.84 22.16 -9.21
CA LYS B 221 35.44 23.09 -8.16
C LYS B 221 34.16 23.84 -8.54
N ASP B 222 33.37 24.15 -7.52
CA ASP B 222 32.13 24.92 -7.62
C ASP B 222 31.86 25.52 -6.25
N SER B 223 30.98 26.52 -6.21
CA SER B 223 30.53 27.13 -4.97
C SER B 223 30.16 26.09 -3.92
N GLU B 224 29.12 25.31 -4.17
CA GLU B 224 28.79 24.17 -3.33
C GLU B 224 29.60 22.94 -3.68
N ASN B 225 30.48 23.05 -4.69
CA ASN B 225 31.17 21.94 -5.33
C ASN B 225 30.28 20.71 -5.40
N TRP B 226 29.25 20.83 -6.24
CA TRP B 226 28.26 19.77 -6.40
C TRP B 226 28.87 18.45 -6.83
N LYS B 227 30.10 18.47 -7.36
CA LYS B 227 30.82 17.22 -7.56
C LYS B 227 31.01 16.48 -6.25
N GLU B 228 30.94 17.18 -5.12
CA GLU B 228 31.04 16.49 -3.85
C GLU B 228 29.86 15.55 -3.63
N VAL B 229 28.72 15.85 -4.25
CA VAL B 229 27.57 14.97 -4.14
C VAL B 229 27.94 13.58 -4.63
N HIS B 230 28.45 13.48 -5.86
CA HIS B 230 28.89 12.19 -6.35
C HIS B 230 30.05 11.65 -5.53
N LYS B 231 30.85 12.54 -4.93
CA LYS B 231 31.87 12.05 -4.02
C LYS B 231 31.23 11.60 -2.70
N GLN B 232 30.09 12.17 -2.36
CA GLN B 232 29.39 11.73 -1.15
C GLN B 232 28.57 10.47 -1.42
N VAL B 233 28.03 10.35 -2.64
CA VAL B 233 27.30 9.15 -3.03
C VAL B 233 28.18 7.92 -2.87
N VAL B 234 29.41 8.01 -3.38
CA VAL B 234 30.30 6.86 -3.28
C VAL B 234 30.89 6.75 -1.88
N GLU B 235 30.95 7.87 -1.16
CA GLU B 235 31.51 7.86 0.19
C GLU B 235 30.50 7.35 1.20
N SER B 236 29.23 7.73 1.06
CA SER B 236 28.22 7.34 2.03
C SER B 236 28.06 5.83 2.08
N ALA B 237 28.11 5.17 0.92
CA ALA B 237 28.03 3.71 0.90
C ALA B 237 28.99 3.09 1.89
N TYR B 238 30.21 3.63 1.99
CA TYR B 238 31.19 3.10 2.94
C TYR B 238 30.93 3.64 4.34
N GLU B 239 30.51 4.90 4.43
CA GLU B 239 30.29 5.50 5.74
C GLU B 239 29.12 4.82 6.44
N VAL B 240 28.26 4.16 5.69
CA VAL B 240 27.29 3.25 6.29
C VAL B 240 27.96 1.92 6.63
N ILE B 241 28.89 1.49 5.77
CA ILE B 241 29.63 0.27 6.05
C ILE B 241 30.52 0.43 7.27
N ARG B 242 31.16 1.59 7.40
CA ARG B 242 31.99 1.85 8.57
C ARG B 242 31.18 1.69 9.85
N LEU B 243 30.11 2.47 9.97
CA LEU B 243 29.46 2.67 11.27
C LEU B 243 28.83 1.38 11.79
N LYS B 244 27.90 0.78 11.04
CA LYS B 244 27.23 -0.41 11.52
C LYS B 244 27.78 -1.70 10.95
N GLY B 245 28.77 -1.65 10.08
CA GLY B 245 29.43 -2.82 9.57
C GLY B 245 29.06 -3.22 8.16
N TYR B 246 27.87 -2.85 7.70
CA TYR B 246 27.46 -3.07 6.31
C TYR B 246 26.08 -2.51 6.06
N THR B 247 25.75 -2.22 4.80
CA THR B 247 24.50 -1.56 4.44
C THR B 247 23.51 -2.59 3.92
N ASN B 248 22.32 -2.57 4.46
CA ASN B 248 21.31 -3.54 4.10
C ASN B 248 19.99 -2.92 3.68
N TRP B 249 19.35 -2.11 4.51
CA TRP B 249 18.01 -1.68 4.19
C TRP B 249 17.98 -0.65 3.07
N ALA B 250 19.11 -0.08 2.70
CA ALA B 250 19.11 0.72 1.49
C ALA B 250 19.08 -0.18 0.27
N ILE B 251 19.91 -1.22 0.27
CA ILE B 251 20.00 -2.10 -0.89
C ILE B 251 18.84 -3.08 -0.90
N GLY B 252 18.19 -3.27 0.24
CA GLY B 252 17.03 -4.14 0.25
C GLY B 252 15.77 -3.44 -0.21
N LEU B 253 15.69 -2.13 -0.01
CA LEU B 253 14.59 -1.36 -0.56
C LEU B 253 14.76 -1.16 -2.05
N SER B 254 16.00 -1.10 -2.53
CA SER B 254 16.27 -0.98 -3.95
C SER B 254 15.87 -2.25 -4.68
N VAL B 255 16.24 -3.39 -4.13
CA VAL B 255 15.90 -4.68 -4.72
C VAL B 255 14.40 -4.89 -4.71
N ALA B 256 13.73 -4.53 -3.63
CA ALA B 256 12.29 -4.64 -3.56
C ALA B 256 11.63 -3.75 -4.59
N GLU B 257 12.28 -2.66 -4.96
CA GLU B 257 11.70 -1.77 -5.95
C GLU B 257 11.95 -2.29 -7.36
N LEU B 258 13.00 -3.10 -7.52
CA LEU B 258 13.26 -3.80 -8.77
C LEU B 258 12.34 -4.98 -8.94
N CYS B 259 12.17 -5.77 -7.89
CA CYS B 259 11.21 -6.86 -7.95
C CYS B 259 9.82 -6.34 -8.23
N GLU B 260 9.52 -5.13 -7.78
CA GLU B 260 8.24 -4.52 -8.08
C GLU B 260 8.13 -4.16 -9.55
N THR B 261 9.18 -3.61 -10.13
CA THR B 261 9.12 -3.26 -11.54
C THR B 261 8.92 -4.48 -12.38
N MET B 262 9.59 -5.57 -12.03
CA MET B 262 9.55 -6.78 -12.83
C MET B 262 8.28 -7.58 -12.57
N LEU B 263 7.94 -7.81 -11.31
CA LEU B 263 6.71 -8.52 -11.01
C LEU B 263 5.48 -7.73 -11.45
N LYS B 264 5.35 -6.50 -10.99
CA LYS B 264 4.22 -5.70 -11.42
C LYS B 264 4.33 -5.28 -12.87
N ASN B 265 5.45 -5.60 -13.53
CA ASN B 265 5.53 -5.46 -14.98
C ASN B 265 5.31 -4.01 -15.38
N LEU B 266 6.01 -3.11 -14.71
CA LEU B 266 5.73 -1.69 -14.84
C LEU B 266 6.41 -1.02 -16.01
N TYR B 267 7.49 -1.58 -16.55
CA TYR B 267 8.35 -0.90 -17.52
C TYR B 267 8.97 0.37 -16.97
N ARG B 268 9.40 0.33 -15.71
CA ARG B 268 10.09 1.45 -15.10
C ARG B 268 11.56 1.43 -15.45
N VAL B 269 12.17 2.60 -15.42
CA VAL B 269 13.57 2.76 -15.80
C VAL B 269 14.40 2.75 -14.53
N HIS B 270 15.18 1.68 -14.35
CA HIS B 270 16.16 1.60 -13.30
C HIS B 270 17.53 1.50 -13.94
N SER B 271 18.56 1.96 -13.24
CA SER B 271 19.90 1.77 -13.74
C SER B 271 20.45 0.48 -13.16
N VAL B 272 20.61 -0.52 -14.00
CA VAL B 272 20.98 -1.86 -13.56
C VAL B 272 22.14 -2.36 -14.42
N SER B 273 22.74 -3.46 -13.97
CA SER B 273 23.90 -4.02 -14.63
C SER B 273 23.45 -4.90 -15.78
N THR B 274 23.80 -4.52 -17.00
CA THR B 274 23.47 -5.28 -18.20
C THR B 274 24.64 -5.22 -19.16
N LEU B 275 24.62 -6.10 -20.17
CA LEU B 275 25.70 -6.16 -21.15
C LEU B 275 25.83 -4.87 -21.93
N VAL B 276 27.05 -4.31 -21.92
CA VAL B 276 27.32 -3.06 -22.62
C VAL B 276 27.93 -3.28 -23.98
N LYS B 277 28.15 -4.55 -24.38
CA LYS B 277 28.68 -4.83 -25.70
C LYS B 277 27.85 -4.15 -26.79
N GLY B 278 28.53 -3.39 -27.65
CA GLY B 278 27.89 -2.74 -28.76
C GLY B 278 27.62 -1.26 -28.60
N THR B 279 27.56 -0.75 -27.38
CA THR B 279 27.33 0.66 -27.16
C THR B 279 28.48 1.25 -26.36
N TYR B 280 28.61 2.57 -26.43
CA TYR B 280 29.67 3.30 -25.73
C TYR B 280 31.04 2.70 -26.03
N GLY B 281 31.25 2.27 -27.28
CA GLY B 281 32.53 1.79 -27.74
C GLY B 281 33.13 0.67 -26.92
N ILE B 282 32.37 -0.40 -26.72
CA ILE B 282 32.83 -1.53 -25.92
C ILE B 282 32.51 -2.80 -26.69
N GLU B 283 33.55 -3.52 -27.10
CA GLU B 283 33.38 -4.82 -27.72
C GLU B 283 33.34 -5.96 -26.70
N ASN B 284 33.80 -5.72 -25.48
CA ASN B 284 33.91 -6.78 -24.51
C ASN B 284 32.53 -7.10 -23.95
N ASP B 285 32.37 -8.32 -23.43
CA ASP B 285 31.11 -8.67 -22.79
C ASP B 285 31.22 -8.29 -21.33
N VAL B 286 30.57 -7.19 -20.98
CA VAL B 286 30.75 -6.58 -19.67
C VAL B 286 29.40 -6.03 -19.24
N PHE B 287 29.07 -6.27 -17.98
CA PHE B 287 27.86 -5.76 -17.36
C PHE B 287 28.17 -4.49 -16.62
N LEU B 288 27.64 -3.38 -17.10
CA LEU B 288 27.92 -2.08 -16.52
C LEU B 288 26.58 -1.40 -16.35
N SER B 289 26.45 -0.57 -15.32
CA SER B 289 25.14 -0.06 -14.92
C SER B 289 24.65 1.00 -15.90
N LEU B 290 23.50 0.75 -16.51
CA LEU B 290 22.93 1.64 -17.49
C LEU B 290 21.44 1.72 -17.22
N PRO B 291 20.81 2.88 -17.39
CA PRO B 291 19.36 2.95 -17.24
C PRO B 291 18.68 2.01 -18.21
N CYS B 292 17.81 1.18 -17.68
CA CYS B 292 17.19 0.12 -18.47
C CYS B 292 15.73 0.03 -18.10
N VAL B 293 14.91 -0.32 -19.07
CA VAL B 293 13.48 -0.48 -18.82
C VAL B 293 13.21 -1.92 -18.42
N LEU B 294 12.79 -2.12 -17.19
CA LEU B 294 12.54 -3.43 -16.61
C LEU B 294 11.08 -3.78 -16.73
N SER B 295 10.78 -5.04 -17.03
CA SER B 295 9.40 -5.49 -17.08
C SER B 295 9.36 -6.92 -16.62
N ALA B 296 8.22 -7.55 -16.85
CA ALA B 296 8.07 -8.94 -16.44
C ALA B 296 9.01 -9.84 -17.22
N SER B 297 9.22 -9.53 -18.50
CA SER B 297 10.00 -10.40 -19.37
C SER B 297 11.48 -10.36 -19.04
N GLY B 298 11.96 -9.26 -18.51
CA GLY B 298 13.34 -9.08 -18.20
C GLY B 298 13.66 -7.62 -18.31
N LEU B 299 14.91 -7.32 -18.64
CA LEU B 299 15.18 -6.03 -19.23
C LEU B 299 14.56 -5.94 -20.60
N THR B 300 13.68 -4.99 -20.77
CA THR B 300 13.02 -4.77 -22.05
C THR B 300 13.93 -4.03 -23.01
N SER B 301 14.70 -3.08 -22.49
CA SER B 301 15.51 -2.23 -23.33
C SER B 301 16.52 -1.51 -22.47
N VAL B 302 17.25 -0.60 -23.10
CA VAL B 302 18.15 0.32 -22.43
C VAL B 302 17.82 1.71 -22.93
N ILE B 303 17.83 2.66 -22.03
CA ILE B 303 17.83 4.07 -22.42
C ILE B 303 19.22 4.44 -22.92
N ASN B 304 19.26 5.19 -24.02
CA ASN B 304 20.53 5.64 -24.59
C ASN B 304 20.88 6.98 -23.98
N GLN B 305 21.93 6.99 -23.18
CA GLN B 305 22.30 8.12 -22.35
C GLN B 305 23.28 8.98 -23.16
N LYS B 306 22.94 10.23 -23.36
CA LYS B 306 23.85 11.11 -24.09
C LYS B 306 24.90 11.65 -23.14
N LEU B 307 26.14 11.27 -23.37
CA LEU B 307 27.19 11.52 -22.41
C LEU B 307 28.26 12.41 -23.02
N LYS B 308 28.90 13.19 -22.16
CA LYS B 308 30.13 13.86 -22.52
C LYS B 308 31.14 12.82 -23.00
N ASP B 309 31.99 13.22 -23.93
CA ASP B 309 33.13 12.42 -24.33
C ASP B 309 33.83 11.91 -23.09
N ASP B 310 33.97 12.79 -22.10
CA ASP B 310 34.67 12.45 -20.87
C ASP B 310 33.89 11.40 -20.08
N GLU B 311 32.56 11.44 -20.19
CA GLU B 311 31.72 10.50 -19.47
C GLU B 311 31.72 9.13 -20.13
N VAL B 312 31.60 9.09 -21.46
CA VAL B 312 31.75 7.83 -22.17
C VAL B 312 33.12 7.22 -21.89
N ALA B 313 34.11 8.07 -21.60
CA ALA B 313 35.43 7.58 -21.29
C ALA B 313 35.44 6.80 -20.00
N GLN B 314 34.77 7.31 -18.97
CA GLN B 314 34.72 6.60 -17.70
C GLN B 314 34.04 5.25 -17.83
N LEU B 315 32.97 5.18 -18.63
CA LEU B 315 32.40 3.88 -18.97
C LEU B 315 33.44 3.00 -19.65
N LYS B 316 33.98 3.48 -20.78
CA LYS B 316 34.97 2.73 -21.55
C LYS B 316 36.11 2.24 -20.68
N LYS B 317 36.76 3.14 -19.96
CA LYS B 317 37.88 2.72 -19.12
C LYS B 317 37.41 1.74 -18.04
N SER B 318 36.37 2.10 -17.30
CA SER B 318 35.92 1.26 -16.20
C SER B 318 35.37 -0.06 -16.70
N ALA B 319 34.88 -0.08 -17.95
CA ALA B 319 34.55 -1.36 -18.56
C ALA B 319 35.79 -2.24 -18.65
N ASP B 320 36.92 -1.66 -19.02
CA ASP B 320 38.16 -2.42 -19.17
C ASP B 320 38.68 -2.89 -17.81
N THR B 321 38.60 -2.02 -16.80
CA THR B 321 38.97 -2.42 -15.45
C THR B 321 38.25 -3.70 -15.02
N LEU B 322 37.01 -3.87 -15.47
CA LEU B 322 36.28 -5.11 -15.17
C LEU B 322 36.83 -6.25 -16.01
N TRP B 323 36.88 -6.08 -17.32
CA TRP B 323 37.27 -7.16 -18.22
C TRP B 323 38.74 -7.51 -18.06
N SER B 324 39.58 -6.55 -17.69
CA SER B 324 40.98 -6.86 -17.42
C SER B 324 41.08 -7.94 -16.34
N ILE B 325 40.24 -7.86 -15.31
CA ILE B 325 40.18 -8.91 -14.31
C ILE B 325 39.01 -9.87 -14.54
N GLN B 326 38.24 -9.67 -15.58
CA GLN B 326 37.21 -10.62 -15.97
C GLN B 326 37.68 -11.57 -17.06
N LYS B 327 38.92 -11.39 -17.54
CA LYS B 327 39.49 -12.30 -18.54
C LYS B 327 39.97 -13.60 -17.91
N ASP B 328 40.43 -13.54 -16.67
CA ASP B 328 40.98 -14.72 -15.98
C ASP B 328 39.93 -15.51 -15.21
N LEU B 329 38.66 -15.18 -15.37
CA LEU B 329 37.63 -15.96 -14.68
C LEU B 329 37.65 -17.40 -15.14
N LYS B 330 37.68 -18.32 -14.18
CA LYS B 330 37.67 -19.75 -14.47
C LYS B 330 36.27 -20.29 -14.20
N ASP B 331 35.51 -20.57 -15.26
CA ASP B 331 34.15 -21.06 -15.11
C ASP B 331 34.11 -22.58 -15.26
N ALA C 1 -27.66 -6.43 29.99
CA ALA C 1 -28.68 -5.87 29.11
C ALA C 1 -28.08 -5.05 27.96
N THR C 2 -26.75 -5.00 27.89
CA THR C 2 -26.06 -4.32 26.81
C THR C 2 -24.80 -5.09 26.44
N LEU C 3 -24.55 -5.22 25.14
CA LEU C 3 -23.26 -5.77 24.71
C LEU C 3 -22.13 -4.77 24.93
N LYS C 4 -22.29 -3.55 24.41
CA LYS C 4 -21.25 -2.53 24.52
C LYS C 4 -20.81 -2.31 25.96
N GLU C 5 -21.75 -2.28 26.90
CA GLU C 5 -21.37 -2.14 28.29
C GLU C 5 -20.58 -3.35 28.78
N LYS C 6 -21.07 -4.55 28.45
CA LYS C 6 -20.45 -5.76 28.99
C LYS C 6 -19.17 -6.10 28.23
N LEU C 7 -19.13 -5.83 26.93
CA LEU C 7 -17.96 -6.20 26.14
C LEU C 7 -16.80 -5.22 26.26
N ILE C 8 -17.06 -3.93 26.15
CA ILE C 8 -16.01 -2.94 25.88
C ILE C 8 -15.87 -2.02 27.08
N THR C 9 -14.77 -2.16 27.81
CA THR C 9 -14.50 -1.42 29.04
C THR C 9 -13.62 -0.21 28.76
N PRO C 10 -14.16 1.01 28.86
CA PRO C 10 -13.39 2.21 28.47
C PRO C 10 -12.15 2.41 29.34
N VAL C 11 -11.00 2.53 28.68
CA VAL C 11 -9.75 2.89 29.32
C VAL C 11 -9.45 4.38 29.23
N THR C 16 -12.23 12.34 21.71
CA THR C 16 -11.55 12.17 20.39
C THR C 16 -11.16 13.47 19.68
N VAL C 17 -10.86 13.34 18.38
CA VAL C 17 -10.46 14.45 17.51
C VAL C 17 -10.02 13.86 16.17
N PRO C 18 -10.28 14.53 15.06
CA PRO C 18 -9.68 14.11 13.80
C PRO C 18 -8.17 14.34 13.77
N SER C 19 -7.45 13.43 13.12
CA SER C 19 -6.00 13.51 13.02
C SER C 19 -5.57 14.03 11.65
N ASN C 20 -5.68 13.20 10.63
CA ASN C 20 -5.31 13.53 9.26
C ASN C 20 -6.50 14.01 8.42
N LYS C 21 -7.60 14.34 9.08
CA LYS C 21 -8.89 14.48 8.43
C LYS C 21 -8.82 15.27 7.13
N ILE C 22 -9.54 14.77 6.12
CA ILE C 22 -9.70 15.41 4.83
C ILE C 22 -11.18 15.59 4.61
N THR C 23 -11.55 16.76 4.09
CA THR C 23 -12.91 17.02 3.69
C THR C 23 -12.93 17.13 2.18
N VAL C 24 -13.89 16.49 1.54
CA VAL C 24 -14.14 16.70 0.12
C VAL C 24 -15.44 17.46 0.00
N VAL C 25 -15.39 18.59 -0.71
CA VAL C 25 -16.57 19.41 -0.91
C VAL C 25 -17.21 19.02 -2.24
N GLY C 26 -18.39 18.44 -2.17
CA GLY C 26 -19.13 17.89 -3.29
C GLY C 26 -19.04 16.39 -3.38
N VAL C 27 -20.15 15.77 -3.76
CA VAL C 27 -20.28 14.35 -4.03
C VAL C 27 -20.38 14.06 -5.53
N GLY C 28 -20.14 15.04 -6.37
CA GLY C 28 -20.36 14.84 -7.79
C GLY C 28 -19.41 13.81 -8.37
N GLN C 29 -19.52 13.64 -9.69
CA GLN C 29 -18.74 12.64 -10.42
C GLN C 29 -17.26 12.71 -10.03
N VAL C 30 -16.72 13.92 -10.00
CA VAL C 30 -15.32 14.13 -9.62
C VAL C 30 -15.08 14.23 -8.13
N GLY C 31 -16.10 14.54 -7.32
CA GLY C 31 -15.89 14.64 -5.89
C GLY C 31 -15.91 13.29 -5.20
N MET C 32 -16.64 12.33 -5.78
CA MET C 32 -16.57 10.97 -5.26
C MET C 32 -15.43 10.20 -5.89
N ALA C 33 -14.87 10.71 -6.98
CA ALA C 33 -13.63 10.15 -7.47
C ALA C 33 -12.50 10.45 -6.52
N CYS C 34 -12.47 11.67 -5.99
CA CYS C 34 -11.40 12.05 -5.07
C CYS C 34 -11.53 11.31 -3.76
N ALA C 35 -12.75 11.17 -3.26
CA ALA C 35 -12.94 10.46 -2.00
C ALA C 35 -12.47 9.02 -2.11
N ILE C 36 -12.93 8.29 -3.11
CA ILE C 36 -12.61 6.88 -3.15
C ILE C 36 -11.16 6.66 -3.51
N SER C 37 -10.51 7.68 -4.07
CA SER C 37 -9.06 7.59 -4.26
C SER C 37 -8.33 7.94 -2.98
N ILE C 38 -8.84 8.91 -2.23
CA ILE C 38 -8.23 9.26 -0.95
C ILE C 38 -8.40 8.12 0.03
N LEU C 39 -9.57 7.50 0.05
CA LEU C 39 -9.79 6.34 0.91
C LEU C 39 -9.02 5.14 0.40
N GLY C 40 -8.89 5.02 -0.91
CA GLY C 40 -8.15 3.91 -1.46
C GLY C 40 -6.67 3.97 -1.16
N LYS C 41 -6.18 5.15 -0.79
CA LYS C 41 -4.80 5.31 -0.36
C LYS C 41 -4.66 5.33 1.15
N GLY C 42 -5.77 5.30 1.89
CA GLY C 42 -5.72 5.34 3.34
C GLY C 42 -5.09 6.59 3.89
N LEU C 43 -5.27 7.73 3.22
CA LEU C 43 -4.64 8.97 3.68
C LEU C 43 -5.33 9.52 4.91
N CYS C 44 -6.65 9.66 4.83
CA CYS C 44 -7.43 10.38 5.82
C CYS C 44 -7.79 9.44 6.96
N ASP C 45 -7.61 9.93 8.18
CA ASP C 45 -8.08 9.18 9.35
C ASP C 45 -9.58 9.40 9.55
N GLU C 46 -10.09 10.54 9.09
CA GLU C 46 -11.52 10.82 8.95
C GLU C 46 -11.73 11.44 7.58
N LEU C 47 -12.80 11.05 6.90
CA LEU C 47 -13.18 11.68 5.64
C LEU C 47 -14.53 12.33 5.83
N ALA C 48 -14.56 13.66 5.74
CA ALA C 48 -15.80 14.41 5.79
C ALA C 48 -16.24 14.72 4.37
N LEU C 49 -17.52 14.54 4.10
CA LEU C 49 -18.08 14.93 2.82
C LEU C 49 -19.13 16.00 3.07
N VAL C 50 -19.19 16.98 2.18
CA VAL C 50 -20.18 18.04 2.27
C VAL C 50 -20.68 18.33 0.87
N ASP C 51 -21.99 18.44 0.70
CA ASP C 51 -22.54 18.94 -0.54
C ASP C 51 -23.93 19.50 -0.26
N VAL C 52 -24.43 20.28 -1.22
CA VAL C 52 -25.71 20.95 -1.10
C VAL C 52 -26.90 20.01 -1.18
N LEU C 53 -26.67 18.73 -1.49
CA LEU C 53 -27.74 17.75 -1.57
C LEU C 53 -27.88 17.04 -0.23
N GLU C 54 -29.12 16.75 0.15
CA GLU C 54 -29.40 16.12 1.43
C GLU C 54 -29.15 14.62 1.39
N ASP C 55 -29.51 13.98 0.28
CA ASP C 55 -29.72 12.52 0.27
C ASP C 55 -28.55 11.79 -0.39
N LYS C 56 -28.26 12.11 -1.65
CA LYS C 56 -27.08 11.57 -2.31
C LYS C 56 -25.86 11.68 -1.41
N LEU C 57 -25.70 12.83 -0.76
CA LEU C 57 -24.64 12.97 0.22
C LEU C 57 -24.72 11.90 1.29
N LYS C 58 -25.92 11.63 1.80
CA LYS C 58 -26.08 10.56 2.77
C LYS C 58 -25.94 9.20 2.11
N GLY C 59 -26.18 9.12 0.81
CA GLY C 59 -26.01 7.87 0.11
C GLY C 59 -24.57 7.61 -0.28
N GLU C 60 -23.83 8.68 -0.59
CA GLU C 60 -22.41 8.53 -0.85
C GLU C 60 -21.66 8.16 0.42
N MET C 61 -22.08 8.73 1.55
CA MET C 61 -21.47 8.37 2.83
C MET C 61 -21.72 6.91 3.16
N MET C 62 -22.96 6.46 3.03
CA MET C 62 -23.29 5.10 3.44
C MET C 62 -22.67 4.10 2.47
N ASP C 63 -22.55 4.46 1.20
CA ASP C 63 -21.95 3.53 0.26
C ASP C 63 -20.47 3.38 0.54
N LEU C 64 -19.82 4.44 1.00
CA LEU C 64 -18.44 4.33 1.42
C LEU C 64 -18.32 3.60 2.75
N GLN C 65 -19.14 3.97 3.73
CA GLN C 65 -19.05 3.34 5.04
C GLN C 65 -19.24 1.83 4.96
N HIS C 66 -20.07 1.35 4.05
CA HIS C 66 -20.27 -0.08 3.95
C HIS C 66 -19.00 -0.79 3.50
N GLY C 67 -18.12 -0.07 2.82
CA GLY C 67 -16.82 -0.59 2.49
C GLY C 67 -15.76 -0.32 3.52
N SER C 68 -16.13 0.17 4.70
CA SER C 68 -15.14 0.51 5.71
C SER C 68 -14.32 -0.71 6.13
N LEU C 69 -14.91 -1.90 6.04
CA LEU C 69 -14.13 -3.10 6.24
C LEU C 69 -12.92 -3.13 5.32
N PHE C 70 -13.04 -2.58 4.12
CA PHE C 70 -12.00 -2.69 3.11
C PHE C 70 -11.11 -1.48 3.09
N LEU C 71 -11.33 -0.54 3.98
CA LEU C 71 -10.66 0.74 3.97
C LEU C 71 -9.80 0.89 5.21
N GLN C 72 -8.76 1.70 5.10
CA GLN C 72 -7.96 2.09 6.25
C GLN C 72 -8.52 3.32 6.93
N THR C 73 -9.69 3.79 6.53
CA THR C 73 -10.28 4.97 7.13
C THR C 73 -11.29 4.50 8.17
N HIS C 74 -11.29 5.14 9.32
CA HIS C 74 -12.21 4.74 10.37
C HIS C 74 -13.54 5.46 10.23
N LYS C 75 -13.54 6.78 10.39
CA LYS C 75 -14.77 7.56 10.42
C LYS C 75 -14.96 8.25 9.08
N ILE C 76 -16.03 7.90 8.38
CA ILE C 76 -16.45 8.60 7.17
C ILE C 76 -17.75 9.31 7.50
N VAL C 77 -17.73 10.63 7.55
CA VAL C 77 -18.90 11.40 7.91
C VAL C 77 -19.27 12.31 6.75
N ALA C 78 -20.56 12.53 6.56
CA ALA C 78 -21.05 13.45 5.55
C ALA C 78 -22.27 14.18 6.07
N ASP C 79 -22.23 15.51 6.03
CA ASP C 79 -23.39 16.32 6.35
C ASP C 79 -23.45 17.49 5.39
N LYS C 80 -24.63 18.08 5.27
CA LYS C 80 -24.79 19.30 4.49
C LYS C 80 -24.31 20.54 5.25
N ASP C 81 -24.30 20.51 6.58
CA ASP C 81 -23.63 21.56 7.33
C ASP C 81 -22.13 21.26 7.45
N TYR C 82 -21.37 22.32 7.61
CA TYR C 82 -19.92 22.26 7.66
C TYR C 82 -19.38 22.00 9.05
N ALA C 83 -20.24 21.67 10.02
CA ALA C 83 -19.72 21.18 11.29
C ALA C 83 -18.80 19.99 11.09
N VAL C 84 -19.14 19.08 10.17
CA VAL C 84 -18.31 17.91 9.92
C VAL C 84 -16.94 18.33 9.43
N THR C 85 -16.86 19.39 8.64
CA THR C 85 -15.60 19.89 8.12
C THR C 85 -14.59 20.21 9.20
N ALA C 86 -15.02 20.38 10.45
CA ALA C 86 -14.14 20.84 11.51
C ALA C 86 -12.89 19.97 11.62
N ASN C 87 -11.75 20.62 11.90
CA ASN C 87 -10.47 19.97 12.10
C ASN C 87 -9.91 19.34 10.83
N SER C 88 -10.30 19.82 9.66
CA SER C 88 -9.81 19.25 8.42
C SER C 88 -8.38 19.67 8.16
N LYS C 89 -7.52 18.71 7.87
CA LYS C 89 -6.14 19.01 7.55
C LYS C 89 -6.03 19.53 6.13
N ILE C 90 -6.93 19.08 5.26
CA ILE C 90 -7.00 19.50 3.87
C ILE C 90 -8.47 19.54 3.52
N VAL C 91 -8.89 20.55 2.78
CA VAL C 91 -10.26 20.63 2.29
C VAL C 91 -10.20 20.64 0.78
N VAL C 92 -10.69 19.58 0.17
CA VAL C 92 -10.68 19.44 -1.27
C VAL C 92 -11.99 19.99 -1.76
N VAL C 93 -11.94 21.07 -2.53
CA VAL C 93 -13.14 21.76 -2.98
C VAL C 93 -13.39 21.34 -4.41
N THR C 94 -14.38 20.48 -4.59
CA THR C 94 -14.83 20.07 -5.89
C THR C 94 -16.11 20.81 -6.30
N ALA C 95 -16.67 21.60 -5.40
CA ALA C 95 -17.98 22.20 -5.64
C ALA C 95 -17.94 23.16 -6.81
N GLY C 96 -18.83 22.96 -7.77
CA GLY C 96 -18.94 23.81 -8.93
C GLY C 96 -20.20 23.48 -9.67
N VAL C 97 -20.71 24.46 -10.40
CA VAL C 97 -22.03 24.36 -11.00
C VAL C 97 -21.89 24.07 -12.50
N LEU C 108 -18.29 32.22 -16.82
CA LEU C 108 -19.04 31.44 -15.84
C LEU C 108 -18.45 31.49 -14.45
N VAL C 109 -17.31 32.16 -14.29
CA VAL C 109 -16.66 32.24 -12.98
C VAL C 109 -17.59 32.85 -11.94
N GLN C 110 -18.25 33.95 -12.28
CA GLN C 110 -19.00 34.70 -11.27
C GLN C 110 -20.22 33.92 -10.80
N ARG C 111 -20.57 32.83 -11.49
CA ARG C 111 -21.51 31.88 -10.92
C ARG C 111 -20.83 31.00 -9.87
N ASN C 112 -19.64 30.50 -10.18
CA ASN C 112 -18.89 29.73 -9.22
C ASN C 112 -18.54 30.56 -8.00
N VAL C 113 -18.36 31.87 -8.18
CA VAL C 113 -18.06 32.73 -7.06
C VAL C 113 -19.30 32.95 -6.21
N ASN C 114 -20.47 32.62 -6.76
CA ASN C 114 -21.65 32.56 -5.90
C ASN C 114 -21.55 31.39 -4.93
N VAL C 115 -21.09 30.24 -5.42
CA VAL C 115 -20.96 29.06 -4.57
C VAL C 115 -19.84 29.27 -3.56
N PHE C 116 -18.69 29.79 -4.00
CA PHE C 116 -17.56 29.87 -3.08
C PHE C 116 -17.75 30.95 -2.03
N LYS C 117 -18.57 31.97 -2.32
CA LYS C 117 -19.00 32.82 -1.22
C LYS C 117 -19.83 32.03 -0.23
N PHE C 118 -20.59 31.07 -0.72
CA PHE C 118 -21.57 30.30 0.02
C PHE C 118 -20.94 29.18 0.83
N ILE C 119 -19.75 28.70 0.44
CA ILE C 119 -19.11 27.52 1.01
C ILE C 119 -17.77 27.84 1.65
N ILE C 120 -16.83 28.38 0.86
CA ILE C 120 -15.47 28.65 1.33
C ILE C 120 -15.37 29.34 2.70
N PRO C 121 -16.17 30.34 3.03
CA PRO C 121 -16.07 30.88 4.40
C PRO C 121 -16.66 29.96 5.45
N GLN C 122 -17.54 29.03 5.05
CA GLN C 122 -17.98 27.99 5.98
C GLN C 122 -16.90 26.93 6.17
N ILE C 123 -16.17 26.61 5.11
CA ILE C 123 -14.97 25.78 5.23
C ILE C 123 -14.04 26.34 6.29
N VAL C 124 -13.75 27.63 6.23
CA VAL C 124 -12.73 28.21 7.09
C VAL C 124 -13.23 28.53 8.48
N LYS C 125 -14.54 28.64 8.68
CA LYS C 125 -15.03 28.89 10.02
C LYS C 125 -14.76 27.70 10.93
N TYR C 126 -15.03 26.49 10.43
CA TYR C 126 -14.87 25.27 11.20
C TYR C 126 -13.46 24.71 11.21
N SER C 127 -12.62 25.05 10.24
CA SER C 127 -11.33 24.40 10.16
C SER C 127 -10.25 25.37 9.70
N PRO C 128 -9.75 26.23 10.59
CA PRO C 128 -8.92 27.36 10.15
C PRO C 128 -7.58 26.97 9.57
N ASN C 129 -7.07 25.80 9.96
CA ASN C 129 -5.72 25.43 9.56
C ASN C 129 -5.72 24.76 8.20
N CYS C 130 -6.89 24.43 7.68
CA CYS C 130 -7.00 23.56 6.51
C CYS C 130 -6.21 24.13 5.34
N THR C 131 -5.58 23.24 4.59
CA THR C 131 -5.17 23.59 3.24
C THR C 131 -6.38 23.43 2.34
N ILE C 132 -6.61 24.37 1.46
CA ILE C 132 -7.73 24.28 0.54
C ILE C 132 -7.18 23.92 -0.82
N LEU C 133 -7.53 22.73 -1.29
CA LEU C 133 -7.22 22.29 -2.64
C LEU C 133 -8.46 22.48 -3.49
N VAL C 134 -8.32 23.23 -4.57
CA VAL C 134 -9.45 23.56 -5.42
C VAL C 134 -9.37 22.71 -6.68
N VAL C 135 -10.30 21.78 -6.81
CA VAL C 135 -10.32 20.86 -7.93
C VAL C 135 -11.19 21.34 -9.08
N SER C 136 -12.04 22.34 -8.84
CA SER C 136 -13.15 22.60 -9.74
C SER C 136 -12.76 23.56 -10.86
N ASN C 137 -13.27 23.29 -12.06
CA ASN C 137 -13.06 24.16 -13.20
C ASN C 137 -13.99 25.36 -13.22
N PRO C 138 -13.46 26.55 -13.59
CA PRO C 138 -12.06 26.89 -13.84
C PRO C 138 -11.22 26.84 -12.60
N VAL C 139 -10.08 26.18 -12.66
CA VAL C 139 -9.31 25.92 -11.45
C VAL C 139 -8.47 27.13 -11.08
N ASP C 140 -7.97 27.85 -12.06
CA ASP C 140 -7.04 28.94 -11.80
C ASP C 140 -7.74 30.13 -11.17
N ILE C 141 -8.96 30.41 -11.60
CA ILE C 141 -9.69 31.56 -11.07
C ILE C 141 -10.38 31.21 -9.77
N LEU C 142 -11.01 30.04 -9.72
CA LEU C 142 -11.66 29.60 -8.50
C LEU C 142 -10.66 29.34 -7.39
N THR C 143 -9.37 29.29 -7.75
CA THR C 143 -8.32 29.28 -6.74
C THR C 143 -8.08 30.68 -6.20
N TYR C 144 -8.15 31.68 -7.07
CA TYR C 144 -8.10 33.05 -6.59
C TYR C 144 -9.34 33.39 -5.81
N VAL C 145 -10.50 33.06 -6.37
CA VAL C 145 -11.76 33.27 -5.69
C VAL C 145 -11.71 32.74 -4.27
N THR C 146 -11.06 31.59 -4.08
CA THR C 146 -11.05 30.96 -2.77
C THR C 146 -9.89 31.46 -1.92
N TRP C 147 -8.92 32.12 -2.53
CA TRP C 147 -7.90 32.79 -1.73
C TRP C 147 -8.38 34.15 -1.26
N LYS C 148 -9.10 34.88 -2.11
CA LYS C 148 -9.67 36.14 -1.68
C LYS C 148 -10.55 35.99 -0.46
N LEU C 149 -11.55 35.14 -0.52
CA LEU C 149 -12.61 35.20 0.45
C LEU C 149 -12.43 34.22 1.61
N SER C 150 -11.38 33.42 1.60
CA SER C 150 -11.07 32.56 2.74
C SER C 150 -10.15 33.17 3.77
N GLY C 151 -9.43 34.23 3.43
CA GLY C 151 -8.46 34.78 4.35
C GLY C 151 -7.38 33.83 4.80
N LEU C 152 -7.06 32.78 4.02
CA LEU C 152 -5.91 31.92 4.27
C LEU C 152 -4.67 32.46 3.60
N PRO C 153 -3.49 32.10 4.08
CA PRO C 153 -2.26 32.52 3.42
C PRO C 153 -2.18 32.05 1.99
N LYS C 154 -1.25 32.66 1.25
CA LYS C 154 -1.00 32.25 -0.13
C LYS C 154 -0.68 30.77 -0.23
N HIS C 155 0.03 30.23 0.75
CA HIS C 155 0.52 28.87 0.65
C HIS C 155 -0.47 27.82 1.08
N ARG C 156 -1.58 28.20 1.72
CA ARG C 156 -2.58 27.24 2.15
C ARG C 156 -3.77 27.15 1.22
N VAL C 157 -3.79 27.88 0.12
CA VAL C 157 -4.88 27.78 -0.84
C VAL C 157 -4.27 27.57 -2.21
N ILE C 158 -4.48 26.40 -2.79
CA ILE C 158 -3.92 26.03 -4.07
C ILE C 158 -4.93 25.16 -4.79
N GLY C 159 -4.94 25.24 -6.11
CA GLY C 159 -5.85 24.46 -6.91
C GLY C 159 -5.09 23.32 -7.54
N SER C 160 -5.83 22.34 -8.05
CA SER C 160 -5.19 21.21 -8.70
C SER C 160 -4.32 21.69 -9.85
N GLY C 161 -4.93 22.37 -10.82
CA GLY C 161 -4.14 22.99 -11.87
C GLY C 161 -3.68 21.98 -12.88
N CYS C 162 -2.45 22.14 -13.33
CA CYS C 162 -1.89 21.33 -14.39
C CYS C 162 -1.23 20.06 -13.86
N ASN C 163 -1.41 19.77 -12.58
CA ASN C 163 -1.01 18.48 -12.04
C ASN C 163 -1.52 17.34 -12.92
N LEU C 164 -2.82 17.31 -13.17
CA LEU C 164 -3.35 16.23 -14.01
C LEU C 164 -2.92 16.40 -15.46
N ASP C 165 -2.84 17.64 -15.95
CA ASP C 165 -2.25 17.87 -17.26
C ASP C 165 -0.86 17.27 -17.34
N THR C 166 -0.05 17.49 -16.30
CA THR C 166 1.28 16.89 -16.26
C THR C 166 1.18 15.37 -16.23
N ALA C 167 0.15 14.84 -15.59
CA ALA C 167 -0.04 13.40 -15.53
C ALA C 167 -0.45 12.85 -16.88
N ARG C 168 -1.46 13.46 -17.52
CA ARG C 168 -1.81 13.08 -18.88
C ARG C 168 -0.64 13.23 -19.82
N PHE C 169 0.19 14.24 -19.60
CA PHE C 169 1.30 14.51 -20.49
C PHE C 169 2.36 13.44 -20.37
N ARG C 170 2.54 12.89 -19.17
CA ARG C 170 3.55 11.86 -18.98
C ARG C 170 3.05 10.51 -19.48
N TYR C 171 1.77 10.24 -19.36
CA TYR C 171 1.26 8.99 -19.93
C TYR C 171 1.41 8.99 -21.43
N LEU C 172 1.10 10.13 -22.07
CA LEU C 172 1.28 10.24 -23.51
C LEU C 172 2.75 10.16 -23.89
N MET C 173 3.58 10.96 -23.22
CA MET C 173 5.01 10.95 -23.49
C MET C 173 5.61 9.57 -23.26
N ALA C 174 5.01 8.78 -22.38
CA ALA C 174 5.50 7.41 -22.17
C ALA C 174 4.93 6.44 -23.19
N GLU C 175 3.63 6.55 -23.48
CA GLU C 175 3.02 5.62 -24.42
C GLU C 175 3.75 5.64 -25.76
N ARG C 176 4.20 6.82 -26.20
CA ARG C 176 5.01 6.91 -27.40
C ARG C 176 6.36 6.24 -27.21
N LEU C 177 6.87 6.22 -25.98
CA LEU C 177 8.12 5.53 -25.69
C LEU C 177 7.91 4.15 -25.07
N GLY C 178 6.69 3.75 -24.80
CA GLY C 178 6.44 2.44 -24.22
C GLY C 178 6.84 2.26 -22.77
N ILE C 179 7.41 3.29 -22.14
CA ILE C 179 7.87 3.14 -20.77
C ILE C 179 6.74 3.51 -19.82
N HIS C 180 7.03 3.53 -18.53
CA HIS C 180 6.01 3.78 -17.54
C HIS C 180 5.96 5.27 -17.21
N PRO C 181 4.76 5.84 -17.05
CA PRO C 181 4.67 7.30 -16.95
C PRO C 181 5.49 7.91 -15.83
N THR C 182 5.84 7.14 -14.82
CA THR C 182 6.66 7.70 -13.75
C THR C 182 8.07 7.97 -14.23
N SER C 183 8.48 7.34 -15.32
CA SER C 183 9.84 7.46 -15.81
C SER C 183 10.02 8.71 -16.66
N CYS C 184 9.01 9.08 -17.42
CA CYS C 184 9.12 10.20 -18.34
C CYS C 184 8.65 11.48 -17.69
N HIS C 185 9.59 12.39 -17.48
CA HIS C 185 9.36 13.57 -16.66
C HIS C 185 9.17 14.77 -17.59
N GLY C 186 7.96 15.31 -17.60
CA GLY C 186 7.69 16.52 -18.34
C GLY C 186 6.52 17.26 -17.71
N TRP C 187 6.50 18.56 -17.91
CA TRP C 187 5.67 19.43 -17.11
C TRP C 187 4.69 20.22 -17.95
N ILE C 188 3.67 20.71 -17.28
CA ILE C 188 2.64 21.56 -17.84
C ILE C 188 2.44 22.72 -16.89
N LEU C 189 2.65 23.93 -17.39
CA LEU C 189 2.51 25.13 -16.58
C LEU C 189 1.45 26.02 -17.19
N GLY C 190 0.87 26.88 -16.38
CA GLY C 190 0.05 27.95 -16.88
C GLY C 190 -1.44 27.65 -16.82
N GLU C 191 -2.19 28.37 -17.63
CA GLU C 191 -3.64 28.28 -17.63
C GLU C 191 -4.07 26.89 -18.11
N HIS C 192 -5.32 26.55 -17.83
CA HIS C 192 -5.77 25.17 -17.99
C HIS C 192 -6.45 24.93 -19.32
N GLY C 193 -6.45 25.93 -20.21
CA GLY C 193 -7.05 25.76 -21.52
C GLY C 193 -6.05 25.23 -22.54
N ASP C 194 -6.23 25.67 -23.79
CA ASP C 194 -5.22 25.43 -24.83
C ASP C 194 -3.94 26.16 -24.46
N SER C 195 -4.00 27.02 -23.46
CA SER C 195 -2.96 27.97 -23.11
C SER C 195 -1.97 27.43 -22.09
N SER C 196 -2.06 26.15 -21.74
CA SER C 196 -1.06 25.55 -20.86
C SER C 196 0.30 25.59 -21.51
N VAL C 197 1.35 25.60 -20.69
CA VAL C 197 2.72 25.63 -21.21
C VAL C 197 3.32 24.27 -20.97
N ALA C 198 3.58 23.53 -22.03
CA ALA C 198 4.34 22.31 -21.90
C ALA C 198 5.80 22.67 -22.08
N VAL C 199 6.56 22.63 -21.01
CA VAL C 199 7.95 23.02 -21.06
C VAL C 199 8.73 21.81 -21.56
N TRP C 200 9.30 21.94 -22.76
CA TRP C 200 10.02 20.85 -23.39
C TRP C 200 11.48 20.84 -22.97
N SER C 201 11.94 21.93 -22.36
CA SER C 201 13.30 21.98 -21.84
C SER C 201 13.49 20.99 -20.71
N GLY C 202 12.40 20.64 -20.03
CA GLY C 202 12.45 19.66 -18.97
C GLY C 202 12.06 18.26 -19.36
N VAL C 203 11.33 18.09 -20.46
CA VAL C 203 10.91 16.76 -20.89
C VAL C 203 12.13 15.90 -21.14
N ASN C 204 12.06 14.65 -20.67
CA ASN C 204 13.20 13.74 -20.72
C ASN C 204 12.74 12.38 -20.22
N VAL C 205 13.62 11.40 -20.39
CA VAL C 205 13.45 10.05 -19.86
C VAL C 205 14.79 9.56 -19.37
N ALA C 206 14.81 8.99 -18.17
CA ALA C 206 16.05 8.52 -17.53
C ALA C 206 17.13 9.59 -17.58
N GLY C 207 16.72 10.85 -17.47
CA GLY C 207 17.66 11.94 -17.53
C GLY C 207 18.25 12.17 -18.91
N VAL C 208 17.60 11.67 -19.95
CA VAL C 208 18.01 11.91 -21.32
C VAL C 208 17.02 12.90 -21.89
N SER C 209 17.45 14.15 -22.07
CA SER C 209 16.54 15.17 -22.58
C SER C 209 16.10 14.80 -23.99
N LEU C 210 14.80 14.92 -24.23
CA LEU C 210 14.32 14.67 -25.59
C LEU C 210 14.52 15.90 -26.47
N GLN C 211 14.31 17.09 -25.91
CA GLN C 211 14.59 18.33 -26.62
C GLN C 211 16.03 18.36 -27.11
N GLU C 212 16.96 17.93 -26.26
CA GLU C 212 18.39 17.95 -26.59
C GLU C 212 18.67 17.23 -27.90
N LEU C 213 18.15 16.00 -28.03
CA LEU C 213 18.54 15.19 -29.18
C LEU C 213 17.78 15.62 -30.44
N ASN C 214 16.46 15.78 -30.36
CA ASN C 214 15.69 16.27 -31.51
C ASN C 214 15.31 17.73 -31.30
N PRO C 215 15.90 18.65 -32.07
CA PRO C 215 15.56 20.07 -31.90
C PRO C 215 14.16 20.41 -32.38
N ALA C 216 13.54 19.53 -33.17
CA ALA C 216 12.27 19.85 -33.80
C ALA C 216 11.10 19.86 -32.82
N MET C 217 11.35 19.49 -31.56
CA MET C 217 10.31 19.51 -30.55
C MET C 217 9.92 20.95 -30.19
N GLY C 218 8.74 21.10 -29.60
CA GLY C 218 8.25 22.40 -29.17
C GLY C 218 7.98 23.38 -30.28
N THR C 219 7.56 22.90 -31.45
CA THR C 219 7.54 23.69 -32.67
C THR C 219 6.22 23.52 -33.42
N ASP C 220 6.22 24.05 -34.64
CA ASP C 220 5.10 23.86 -35.54
C ASP C 220 5.07 22.45 -36.12
N LYS C 221 6.23 21.95 -36.60
CA LYS C 221 6.28 20.66 -37.28
C LYS C 221 7.49 19.86 -36.84
N ASP C 222 7.33 18.54 -36.80
CA ASP C 222 8.38 17.57 -36.51
C ASP C 222 7.96 16.24 -37.12
N SER C 223 8.92 15.32 -37.23
CA SER C 223 8.65 13.96 -37.71
C SER C 223 7.43 13.35 -37.04
N GLU C 224 7.52 13.11 -35.73
CA GLU C 224 6.36 12.69 -34.95
C GLU C 224 5.49 13.87 -34.54
N ASN C 225 5.89 15.08 -34.91
CA ASN C 225 5.33 16.35 -34.44
C ASN C 225 4.93 16.22 -32.96
N TRP C 226 5.98 16.12 -32.13
CA TRP C 226 5.81 15.95 -30.69
C TRP C 226 4.99 17.08 -30.07
N LYS C 227 4.89 18.22 -30.74
CA LYS C 227 3.94 19.23 -30.29
C LYS C 227 2.52 18.69 -30.27
N GLU C 228 2.25 17.63 -31.02
CA GLU C 228 0.92 17.04 -30.97
C GLU C 228 0.64 16.45 -29.59
N VAL C 229 1.69 16.04 -28.87
CA VAL C 229 1.51 15.52 -27.52
C VAL C 229 0.79 16.56 -26.68
N HIS C 230 1.35 17.77 -26.60
CA HIS C 230 0.67 18.83 -25.86
C HIS C 230 -0.67 19.18 -26.48
N LYS C 231 -0.80 18.97 -27.79
CA LYS C 231 -2.13 19.15 -28.38
C LYS C 231 -3.03 17.99 -28.02
N GLN C 232 -2.45 16.82 -27.75
CA GLN C 232 -3.26 15.68 -27.32
C GLN C 232 -3.56 15.76 -25.82
N VAL C 233 -2.62 16.30 -25.04
CA VAL C 233 -2.85 16.51 -23.61
C VAL C 233 -4.07 17.36 -23.38
N VAL C 234 -4.17 18.48 -24.12
CA VAL C 234 -5.32 19.36 -23.94
C VAL C 234 -6.54 18.79 -24.64
N GLU C 235 -6.32 17.96 -25.66
CA GLU C 235 -7.45 17.39 -26.40
C GLU C 235 -8.05 16.20 -25.66
N SER C 236 -7.21 15.37 -25.05
CA SER C 236 -7.70 14.18 -24.37
C SER C 236 -8.64 14.54 -23.23
N ALA C 237 -8.31 15.60 -22.47
CA ALA C 237 -9.21 16.05 -21.41
C ALA C 237 -10.64 16.17 -21.89
N TYR C 238 -10.83 16.71 -23.10
CA TYR C 238 -12.18 16.85 -23.64
C TYR C 238 -12.66 15.54 -24.24
N GLU C 239 -11.76 14.78 -24.86
CA GLU C 239 -12.16 13.53 -25.49
C GLU C 239 -12.60 12.52 -24.45
N VAL C 240 -12.19 12.71 -23.20
CA VAL C 240 -12.79 11.97 -22.10
C VAL C 240 -14.11 12.61 -21.71
N ILE C 241 -14.19 13.95 -21.79
CA ILE C 241 -15.45 14.63 -21.50
C ILE C 241 -16.49 14.29 -22.55
N ARG C 242 -16.09 14.22 -23.82
CA ARG C 242 -17.03 13.86 -24.87
C ARG C 242 -17.66 12.51 -24.58
N LEU C 243 -16.83 11.48 -24.44
CA LEU C 243 -17.31 10.10 -24.51
C LEU C 243 -18.23 9.77 -23.34
N LYS C 244 -17.74 9.89 -22.11
CA LYS C 244 -18.56 9.51 -20.96
C LYS C 244 -19.23 10.70 -20.27
N GLY C 245 -19.00 11.91 -20.74
CA GLY C 245 -19.68 13.08 -20.20
C GLY C 245 -18.85 13.94 -19.29
N TYR C 246 -17.83 13.39 -18.64
CA TYR C 246 -16.89 14.17 -17.83
C TYR C 246 -15.83 13.27 -17.23
N THR C 247 -14.69 13.84 -16.86
CA THR C 247 -13.54 13.07 -16.39
C THR C 247 -13.47 13.14 -14.87
N ASN C 248 -13.34 11.99 -14.25
CA ASN C 248 -13.33 11.93 -12.80
C ASN C 248 -12.14 11.18 -12.24
N TRP C 249 -11.93 9.92 -12.62
CA TRP C 249 -10.91 9.13 -11.94
C TRP C 249 -9.50 9.56 -12.32
N ALA C 250 -9.33 10.36 -13.36
CA ALA C 250 -8.02 10.93 -13.58
C ALA C 250 -7.77 12.05 -12.59
N ILE C 251 -8.76 12.92 -12.42
CA ILE C 251 -8.59 14.07 -11.56
C ILE C 251 -8.76 13.68 -10.09
N GLY C 252 -9.37 12.54 -9.84
CA GLY C 252 -9.48 12.06 -8.47
C GLY C 252 -8.24 11.36 -7.99
N LEU C 253 -7.51 10.74 -8.92
CA LEU C 253 -6.22 10.15 -8.58
C LEU C 253 -5.16 11.24 -8.40
N SER C 254 -5.30 12.33 -9.14
CA SER C 254 -4.39 13.45 -9.00
C SER C 254 -4.56 14.12 -7.66
N VAL C 255 -5.80 14.36 -7.26
CA VAL C 255 -6.09 14.98 -5.98
C VAL C 255 -5.64 14.09 -4.82
N ALA C 256 -5.87 12.79 -4.95
CA ALA C 256 -5.42 11.86 -3.92
C ALA C 256 -3.92 11.86 -3.83
N GLU C 257 -3.23 12.17 -4.91
CA GLU C 257 -1.78 12.19 -4.87
C GLU C 257 -1.28 13.50 -4.28
N LEU C 258 -2.10 14.55 -4.37
CA LEU C 258 -1.80 15.82 -3.71
C LEU C 258 -2.09 15.74 -2.23
N CYS C 259 -3.22 15.16 -1.85
CA CYS C 259 -3.51 14.95 -0.45
C CYS C 259 -2.44 14.09 0.20
N GLU C 260 -1.86 13.18 -0.58
CA GLU C 260 -0.76 12.36 -0.07
C GLU C 260 0.49 13.19 0.16
N THR C 261 0.81 14.09 -0.77
CA THR C 261 1.99 14.90 -0.57
C THR C 261 1.85 15.78 0.65
N MET C 262 0.66 16.32 0.86
CA MET C 262 0.44 17.25 1.95
C MET C 262 0.25 16.52 3.28
N LEU C 263 -0.60 15.51 3.31
CA LEU C 263 -0.78 14.75 4.54
C LEU C 263 0.50 14.01 4.92
N LYS C 264 1.03 13.19 4.02
CA LYS C 264 2.26 12.51 4.34
C LYS C 264 3.45 13.45 4.38
N ASN C 265 3.26 14.73 4.05
CA ASN C 265 4.27 15.74 4.30
C ASN C 265 5.55 15.40 3.55
N LEU C 266 5.41 15.08 2.27
CA LEU C 266 6.50 14.52 1.51
C LEU C 266 7.45 15.55 0.91
N TYR C 267 7.01 16.80 0.74
CA TYR C 267 7.77 17.80 -0.02
C TYR C 267 7.96 17.40 -1.48
N ARG C 268 6.94 16.79 -2.08
CA ARG C 268 6.98 16.44 -3.50
C ARG C 268 6.62 17.64 -4.36
N VAL C 269 7.11 17.63 -5.59
CA VAL C 269 6.92 18.72 -6.52
C VAL C 269 5.75 18.38 -7.41
N HIS C 270 4.65 19.10 -7.24
CA HIS C 270 3.50 19.02 -8.12
C HIS C 270 3.33 20.37 -8.79
N SER C 271 2.76 20.40 -9.98
CA SER C 271 2.45 21.67 -10.61
C SER C 271 1.03 22.03 -10.23
N VAL C 272 0.88 23.05 -9.40
CA VAL C 272 -0.41 23.43 -8.84
C VAL C 272 -0.62 24.93 -9.02
N SER C 273 -1.85 25.36 -8.78
CA SER C 273 -2.21 26.75 -8.97
C SER C 273 -1.84 27.55 -7.73
N THR C 274 -0.93 28.51 -7.90
CA THR C 274 -0.48 29.37 -6.82
C THR C 274 -0.26 30.77 -7.37
N LEU C 275 -0.16 31.75 -6.47
CA LEU C 275 0.04 33.14 -6.86
C LEU C 275 1.33 33.33 -7.64
N VAL C 276 1.19 33.92 -8.83
CA VAL C 276 2.36 34.16 -9.69
C VAL C 276 2.87 35.59 -9.56
N LYS C 277 2.25 36.41 -8.72
CA LYS C 277 2.74 37.77 -8.49
C LYS C 277 4.22 37.76 -8.12
N GLY C 278 5.00 38.54 -8.86
CA GLY C 278 6.41 38.69 -8.58
C GLY C 278 7.35 37.92 -9.47
N THR C 279 6.89 36.86 -10.12
CA THR C 279 7.74 36.10 -11.02
C THR C 279 7.13 36.09 -12.40
N TYR C 280 7.98 35.77 -13.40
CA TYR C 280 7.56 35.74 -14.80
C TYR C 280 6.84 37.01 -15.21
N GLY C 281 7.31 38.15 -14.70
CA GLY C 281 6.81 39.45 -15.09
C GLY C 281 5.32 39.63 -14.94
N ILE C 282 4.80 39.36 -13.74
CA ILE C 282 3.37 39.47 -13.48
C ILE C 282 3.19 40.22 -12.17
N GLU C 283 2.60 41.42 -12.25
CA GLU C 283 2.24 42.17 -11.06
C GLU C 283 0.87 41.81 -10.52
N ASN C 284 0.02 41.18 -11.33
CA ASN C 284 -1.34 40.91 -10.95
C ASN C 284 -1.37 39.76 -9.96
N ASP C 285 -2.44 39.69 -9.15
CA ASP C 285 -2.59 38.56 -8.25
C ASP C 285 -3.36 37.50 -9.00
N VAL C 286 -2.64 36.47 -9.43
CA VAL C 286 -3.18 35.47 -10.34
C VAL C 286 -2.60 34.13 -9.94
N PHE C 287 -3.46 33.12 -9.91
CA PHE C 287 -3.06 31.75 -9.63
C PHE C 287 -2.88 31.02 -10.93
N LEU C 288 -1.65 30.64 -11.22
CA LEU C 288 -1.31 29.99 -12.46
C LEU C 288 -0.45 28.78 -12.09
N SER C 289 -0.55 27.72 -12.87
CA SER C 289 0.01 26.43 -12.47
C SER C 289 1.53 26.44 -12.61
N LEU C 290 2.23 26.23 -11.50
CA LEU C 290 3.66 26.24 -11.48
C LEU C 290 4.12 25.07 -10.61
N PRO C 291 5.22 24.41 -10.96
CA PRO C 291 5.73 23.36 -10.08
C PRO C 291 6.05 23.90 -8.71
N CYS C 292 5.50 23.26 -7.70
CA CYS C 292 5.58 23.76 -6.34
C CYS C 292 5.86 22.60 -5.41
N VAL C 293 6.60 22.86 -4.36
CA VAL C 293 6.89 21.84 -3.37
C VAL C 293 5.81 21.87 -2.29
N LEU C 294 5.03 20.80 -2.22
CA LEU C 294 3.91 20.68 -1.30
C LEU C 294 4.34 19.95 -0.05
N SER C 295 3.85 20.38 1.10
CA SER C 295 4.14 19.68 2.33
C SER C 295 2.93 19.80 3.22
N ALA C 296 3.13 19.45 4.49
CA ALA C 296 2.03 19.53 5.45
C ALA C 296 1.61 20.98 5.66
N SER C 297 2.57 21.89 5.65
CA SER C 297 2.30 23.27 5.99
C SER C 297 1.51 23.98 4.89
N GLY C 298 1.68 23.55 3.67
CA GLY C 298 1.04 24.17 2.53
C GLY C 298 1.92 23.97 1.33
N LEU C 299 1.85 24.89 0.40
CA LEU C 299 2.95 25.04 -0.52
C LEU C 299 4.16 25.58 0.21
N THR C 300 5.23 24.81 0.19
CA THR C 300 6.47 25.21 0.82
C THR C 300 7.22 26.20 -0.03
N SER C 301 7.18 26.03 -1.34
CA SER C 301 7.98 26.84 -2.24
C SER C 301 7.46 26.65 -3.65
N VAL C 302 8.18 27.25 -4.59
CA VAL C 302 7.97 27.07 -6.01
C VAL C 302 9.32 26.73 -6.62
N ILE C 303 9.32 25.81 -7.54
CA ILE C 303 10.48 25.61 -8.41
C ILE C 303 10.51 26.71 -9.45
N ASN C 304 11.69 27.26 -9.69
CA ASN C 304 11.87 28.31 -10.68
C ASN C 304 12.18 27.68 -12.02
N GLN C 305 11.24 27.79 -12.94
CA GLN C 305 11.27 27.08 -14.22
C GLN C 305 11.97 27.98 -15.23
N LYS C 306 13.04 27.48 -15.82
CA LYS C 306 13.72 28.28 -16.82
C LYS C 306 13.04 28.11 -18.16
N LEU C 307 12.46 29.20 -18.66
CA LEU C 307 11.57 29.11 -19.79
C LEU C 307 12.13 29.93 -20.96
N LYS C 308 11.80 29.48 -22.16
CA LYS C 308 11.99 30.29 -23.34
C LYS C 308 11.25 31.62 -23.15
N ASP C 309 11.80 32.68 -23.74
CA ASP C 309 11.09 33.94 -23.82
C ASP C 309 9.66 33.70 -24.28
N ASP C 310 9.53 32.81 -25.26
CA ASP C 310 8.22 32.51 -25.82
C ASP C 310 7.33 31.81 -24.80
N GLU C 311 7.95 31.03 -23.92
CA GLU C 311 7.19 30.30 -22.91
C GLU C 311 6.76 31.22 -21.77
N VAL C 312 7.67 32.07 -21.29
CA VAL C 312 7.28 33.09 -20.32
C VAL C 312 6.16 33.96 -20.89
N ALA C 313 6.14 34.11 -22.21
CA ALA C 313 5.09 34.91 -22.84
C ALA C 313 3.73 34.27 -22.66
N GLN C 314 3.64 32.95 -22.84
CA GLN C 314 2.36 32.28 -22.69
C GLN C 314 1.86 32.39 -21.25
N LEU C 315 2.75 32.27 -20.27
CA LEU C 315 2.37 32.58 -18.90
C LEU C 315 1.87 34.01 -18.78
N LYS C 316 2.71 34.98 -19.17
CA LYS C 316 2.35 36.39 -19.08
C LYS C 316 1.01 36.67 -19.73
N LYS C 317 0.85 36.30 -21.00
CA LYS C 317 -0.40 36.57 -21.68
C LYS C 317 -1.56 35.85 -20.99
N SER C 318 -1.42 34.54 -20.75
CA SER C 318 -2.51 33.77 -20.18
C SER C 318 -2.80 34.20 -18.75
N ALA C 319 -1.80 34.77 -18.07
CA ALA C 319 -2.08 35.41 -16.79
C ALA C 319 -3.07 36.55 -16.96
N ASP C 320 -2.90 37.34 -18.03
CA ASP C 320 -3.77 38.47 -18.28
C ASP C 320 -5.16 38.02 -18.67
N THR C 321 -5.25 36.98 -19.50
CA THR C 321 -6.55 36.41 -19.85
C THR C 321 -7.36 36.10 -18.60
N LEU C 322 -6.70 35.66 -17.53
CA LEU C 322 -7.39 35.40 -16.28
C LEU C 322 -7.79 36.71 -15.61
N TRP C 323 -6.83 37.59 -15.40
CA TRP C 323 -7.06 38.82 -14.66
C TRP C 323 -7.98 39.77 -15.42
N SER C 324 -7.93 39.73 -16.75
CA SER C 324 -8.86 40.53 -17.54
C SER C 324 -10.30 40.21 -17.17
N ILE C 325 -10.60 38.94 -16.94
CA ILE C 325 -11.92 38.54 -16.46
C ILE C 325 -11.93 38.27 -14.96
N GLN C 326 -10.80 38.44 -14.28
CA GLN C 326 -10.74 38.37 -12.84
C GLN C 326 -10.81 39.75 -12.19
N LYS C 327 -10.86 40.81 -13.00
CA LYS C 327 -11.00 42.16 -12.47
C LYS C 327 -12.44 42.46 -12.06
N ASP C 328 -13.41 41.88 -12.74
CA ASP C 328 -14.82 42.14 -12.49
C ASP C 328 -15.44 41.20 -11.46
N LEU C 329 -14.62 40.38 -10.79
CA LEU C 329 -15.16 39.51 -9.76
C LEU C 329 -15.79 40.32 -8.64
N LYS C 330 -17.03 39.97 -8.28
CA LYS C 330 -17.75 40.64 -7.20
C LYS C 330 -17.72 39.74 -5.98
N ASP C 331 -16.91 40.08 -5.00
CA ASP C 331 -16.78 39.27 -3.78
C ASP C 331 -17.63 39.85 -2.66
N ALA D 1 15.85 10.86 -36.55
CA ALA D 1 14.50 11.19 -36.99
C ALA D 1 13.43 10.55 -36.11
N THR D 2 13.85 9.84 -35.07
CA THR D 2 12.93 9.25 -34.11
C THR D 2 13.52 9.32 -32.71
N LEU D 3 12.69 9.68 -31.73
CA LEU D 3 13.13 9.57 -30.34
C LEU D 3 13.21 8.12 -29.89
N LYS D 4 12.12 7.37 -30.06
CA LYS D 4 12.06 5.98 -29.62
C LYS D 4 13.22 5.16 -30.18
N GLU D 5 13.58 5.35 -31.45
CA GLU D 5 14.71 4.63 -32.00
C GLU D 5 16.01 5.06 -31.32
N LYS D 6 16.20 6.37 -31.16
CA LYS D 6 17.47 6.87 -30.64
C LYS D 6 17.55 6.70 -29.13
N LEU D 7 16.44 6.84 -28.43
CA LEU D 7 16.46 6.76 -26.97
C LEU D 7 16.48 5.33 -26.44
N ILE D 8 15.63 4.46 -26.95
CA ILE D 8 15.31 3.21 -26.28
C ILE D 8 15.80 2.04 -27.12
N THR D 9 16.85 1.37 -26.65
CA THR D 9 17.51 0.28 -27.35
C THR D 9 17.00 -1.06 -26.87
N PRO D 10 16.24 -1.80 -27.69
CA PRO D 10 15.61 -3.05 -27.23
C PRO D 10 16.64 -4.11 -26.83
N VAL D 11 16.51 -4.61 -25.61
CA VAL D 11 17.30 -5.73 -25.12
C VAL D 11 16.57 -7.06 -25.27
N THR D 16 5.61 -9.86 -25.38
CA THR D 16 4.95 -9.69 -24.05
C THR D 16 3.88 -10.74 -23.72
N VAL D 17 3.07 -10.41 -22.71
CA VAL D 17 1.97 -11.26 -22.23
C VAL D 17 1.42 -10.63 -20.96
N PRO D 18 0.12 -10.72 -20.71
CA PRO D 18 -0.40 -10.33 -19.40
C PRO D 18 0.04 -11.28 -18.31
N SER D 19 0.27 -10.74 -17.12
CA SER D 19 0.71 -11.52 -15.97
C SER D 19 -0.45 -11.77 -14.99
N ASN D 20 -0.86 -10.75 -14.26
CA ASN D 20 -1.93 -10.81 -13.28
C ASN D 20 -3.27 -10.33 -13.85
N LYS D 21 -3.35 -10.23 -15.17
CA LYS D 21 -4.41 -9.48 -15.83
C LYS D 21 -5.79 -9.77 -15.26
N ILE D 22 -6.57 -8.71 -15.08
CA ILE D 22 -7.96 -8.77 -14.64
C ILE D 22 -8.78 -8.09 -15.71
N THR D 23 -9.92 -8.69 -16.04
CA THR D 23 -10.89 -8.07 -16.93
C THR D 23 -12.11 -7.72 -16.10
N VAL D 24 -12.63 -6.52 -16.29
CA VAL D 24 -13.91 -6.15 -15.73
C VAL D 24 -14.90 -6.06 -16.87
N VAL D 25 -16.01 -6.78 -16.75
CA VAL D 25 -17.05 -6.77 -17.78
C VAL D 25 -18.09 -5.74 -17.40
N GLY D 26 -18.19 -4.69 -18.17
CA GLY D 26 -19.05 -3.55 -17.94
C GLY D 26 -18.29 -2.35 -17.38
N VAL D 27 -18.69 -1.18 -17.84
CA VAL D 27 -18.21 0.12 -17.38
C VAL D 27 -19.24 0.84 -16.51
N GLY D 28 -20.31 0.17 -16.12
CA GLY D 28 -21.36 0.86 -15.41
C GLY D 28 -20.93 1.35 -14.06
N GLN D 29 -21.90 1.92 -13.34
CA GLN D 29 -21.64 2.54 -12.04
C GLN D 29 -20.81 1.61 -11.15
N VAL D 30 -21.21 0.34 -11.09
CA VAL D 30 -20.50 -0.67 -10.30
C VAL D 30 -19.31 -1.30 -11.01
N GLY D 31 -19.24 -1.25 -12.33
CA GLY D 31 -18.13 -1.86 -13.02
C GLY D 31 -16.90 -0.96 -13.05
N MET D 32 -17.12 0.36 -13.00
CA MET D 32 -16.00 1.26 -12.85
C MET D 32 -15.65 1.48 -11.39
N ALA D 33 -16.54 1.09 -10.48
CA ALA D 33 -16.15 1.05 -9.09
C ALA D 33 -15.15 -0.06 -8.86
N CYS D 34 -15.37 -1.21 -9.49
CA CYS D 34 -14.45 -2.33 -9.31
C CYS D 34 -13.11 -2.05 -9.95
N ALA D 35 -13.12 -1.45 -11.14
CA ALA D 35 -11.86 -1.15 -11.79
C ALA D 35 -11.02 -0.20 -10.95
N ILE D 36 -11.58 0.92 -10.52
CA ILE D 36 -10.75 1.92 -9.84
C ILE D 36 -10.37 1.43 -8.46
N SER D 37 -11.08 0.43 -7.94
CA SER D 37 -10.63 -0.19 -6.69
C SER D 37 -9.55 -1.21 -6.97
N ILE D 38 -9.68 -1.95 -8.06
CA ILE D 38 -8.65 -2.91 -8.42
C ILE D 38 -7.37 -2.20 -8.80
N LEU D 39 -7.47 -1.10 -9.53
CA LEU D 39 -6.30 -0.29 -9.86
C LEU D 39 -5.77 0.43 -8.63
N GLY D 40 -6.67 0.83 -7.74
CA GLY D 40 -6.24 1.50 -6.53
C GLY D 40 -5.48 0.59 -5.59
N LYS D 41 -5.62 -0.72 -5.77
CA LYS D 41 -4.85 -1.69 -5.01
C LYS D 41 -3.64 -2.21 -5.77
N GLY D 42 -3.48 -1.82 -7.03
CA GLY D 42 -2.37 -2.30 -7.84
C GLY D 42 -2.36 -3.80 -8.03
N LEU D 43 -3.53 -4.42 -8.12
CA LEU D 43 -3.59 -5.87 -8.25
C LEU D 43 -3.19 -6.32 -9.64
N CYS D 44 -3.83 -5.72 -10.65
CA CYS D 44 -3.73 -6.19 -12.03
C CYS D 44 -2.51 -5.58 -12.68
N ASP D 45 -1.76 -6.41 -13.39
CA ASP D 45 -0.66 -5.90 -14.20
C ASP D 45 -1.18 -5.36 -15.53
N GLU D 46 -2.31 -5.88 -15.99
CA GLU D 46 -3.11 -5.32 -17.08
C GLU D 46 -4.56 -5.32 -16.64
N LEU D 47 -5.29 -4.26 -16.96
CA LEU D 47 -6.72 -4.20 -16.70
C LEU D 47 -7.43 -4.09 -18.04
N ALA D 48 -8.19 -5.11 -18.40
CA ALA D 48 -9.02 -5.09 -19.59
C ALA D 48 -10.43 -4.70 -19.20
N LEU D 49 -11.03 -3.81 -19.97
CA LEU D 49 -12.42 -3.46 -19.79
C LEU D 49 -13.19 -3.84 -21.03
N VAL D 50 -14.40 -4.36 -20.86
CA VAL D 50 -15.25 -4.72 -21.98
C VAL D 50 -16.67 -4.29 -21.63
N ASP D 51 -17.35 -3.66 -22.58
CA ASP D 51 -18.77 -3.42 -22.44
C ASP D 51 -19.37 -3.23 -23.82
N VAL D 52 -20.69 -3.31 -23.87
CA VAL D 52 -21.43 -3.22 -25.13
C VAL D 52 -21.46 -1.82 -25.71
N LEU D 53 -20.95 -0.83 -25.00
CA LEU D 53 -20.91 0.55 -25.49
C LEU D 53 -19.57 0.81 -26.16
N GLU D 54 -19.59 1.58 -27.24
CA GLU D 54 -18.39 1.85 -28.01
C GLU D 54 -17.55 2.94 -27.35
N ASP D 55 -18.20 3.96 -26.81
CA ASP D 55 -17.54 5.25 -26.55
C ASP D 55 -17.22 5.41 -25.07
N LYS D 56 -18.25 5.38 -24.21
CA LYS D 56 -18.02 5.39 -22.77
C LYS D 56 -16.93 4.41 -22.39
N LEU D 57 -16.96 3.22 -22.96
CA LEU D 57 -15.88 2.26 -22.76
C LEU D 57 -14.54 2.87 -23.12
N LYS D 58 -14.47 3.55 -24.26
CA LYS D 58 -13.23 4.21 -24.63
C LYS D 58 -12.97 5.42 -23.75
N GLY D 59 -14.02 5.99 -23.17
CA GLY D 59 -13.85 7.11 -22.27
C GLY D 59 -13.46 6.68 -20.87
N GLU D 60 -13.98 5.54 -20.43
CA GLU D 60 -13.56 4.99 -19.15
C GLU D 60 -12.11 4.53 -19.20
N MET D 61 -11.70 3.97 -20.34
CA MET D 61 -10.30 3.58 -20.49
C MET D 61 -9.38 4.79 -20.46
N MET D 62 -9.71 5.83 -21.22
CA MET D 62 -8.83 6.97 -21.30
C MET D 62 -8.81 7.73 -19.98
N ASP D 63 -9.93 7.76 -19.27
CA ASP D 63 -9.94 8.45 -17.99
C ASP D 63 -9.08 7.73 -16.97
N LEU D 64 -9.04 6.41 -17.06
CA LEU D 64 -8.13 5.66 -16.20
C LEU D 64 -6.69 5.80 -16.66
N GLN D 65 -6.44 5.65 -17.96
CA GLN D 65 -5.08 5.74 -18.46
C GLN D 65 -4.43 7.06 -18.12
N HIS D 66 -5.20 8.14 -18.10
CA HIS D 66 -4.61 9.43 -17.78
C HIS D 66 -4.10 9.47 -16.35
N GLY D 67 -4.66 8.63 -15.48
CA GLY D 67 -4.16 8.48 -14.14
C GLY D 67 -3.10 7.41 -14.01
N SER D 68 -2.60 6.87 -15.11
CA SER D 68 -1.62 5.79 -15.03
C SER D 68 -0.36 6.22 -14.29
N LEU D 69 -0.04 7.51 -14.35
CA LEU D 69 1.04 8.02 -13.51
C LEU D 69 0.81 7.68 -12.05
N PHE D 70 -0.44 7.66 -11.61
CA PHE D 70 -0.77 7.49 -10.21
C PHE D 70 -1.07 6.05 -9.86
N LEU D 71 -0.96 5.16 -10.82
CA LEU D 71 -1.38 3.78 -10.66
C LEU D 71 -0.17 2.86 -10.75
N GLN D 72 -0.29 1.70 -10.14
CA GLN D 72 0.69 0.63 -10.29
C GLN D 72 0.37 -0.26 -11.46
N THR D 73 -0.63 0.09 -12.26
CA THR D 73 -0.99 -0.72 -13.40
C THR D 73 -0.35 -0.13 -14.64
N HIS D 74 0.21 -0.98 -15.48
CA HIS D 74 0.87 -0.48 -16.67
C HIS D 74 -0.11 -0.33 -17.83
N LYS D 75 -0.67 -1.44 -18.30
CA LYS D 75 -1.52 -1.42 -19.48
C LYS D 75 -2.98 -1.51 -19.05
N ILE D 76 -3.75 -0.47 -19.37
CA ILE D 76 -5.19 -0.47 -19.20
C ILE D 76 -5.80 -0.45 -20.59
N VAL D 77 -6.43 -1.55 -20.99
CA VAL D 77 -7.00 -1.67 -22.32
C VAL D 77 -8.50 -1.88 -22.19
N ALA D 78 -9.25 -1.33 -23.14
CA ALA D 78 -10.69 -1.52 -23.20
C ALA D 78 -11.13 -1.62 -24.65
N ASP D 79 -11.83 -2.70 -24.98
CA ASP D 79 -12.44 -2.85 -26.29
C ASP D 79 -13.82 -3.49 -26.12
N LYS D 80 -14.66 -3.32 -27.12
CA LYS D 80 -15.95 -3.99 -27.14
C LYS D 80 -15.83 -5.45 -27.57
N ASP D 81 -14.79 -5.81 -28.32
CA ASP D 81 -14.50 -7.22 -28.54
C ASP D 81 -13.70 -7.79 -27.37
N TYR D 82 -13.84 -9.09 -27.18
CA TYR D 82 -13.22 -9.81 -26.09
C TYR D 82 -11.80 -10.28 -26.40
N ALA D 83 -11.22 -9.85 -27.51
CA ALA D 83 -9.80 -10.09 -27.70
C ALA D 83 -8.98 -9.55 -26.54
N VAL D 84 -9.35 -8.38 -26.01
CA VAL D 84 -8.61 -7.80 -24.89
C VAL D 84 -8.69 -8.70 -23.68
N THR D 85 -9.81 -9.37 -23.48
CA THR D 85 -9.99 -10.28 -22.35
C THR D 85 -8.95 -11.37 -22.29
N ALA D 86 -8.24 -11.64 -23.38
CA ALA D 86 -7.34 -12.77 -23.45
C ALA D 86 -6.33 -12.75 -22.30
N ASN D 87 -6.02 -13.94 -21.78
CA ASN D 87 -5.05 -14.15 -20.72
C ASN D 87 -5.48 -13.56 -19.39
N SER D 88 -6.77 -13.41 -19.15
CA SER D 88 -7.23 -12.85 -17.90
C SER D 88 -7.12 -13.85 -16.78
N LYS D 89 -6.51 -13.43 -15.66
CA LYS D 89 -6.40 -14.29 -14.51
C LYS D 89 -7.71 -14.37 -13.78
N ILE D 90 -8.48 -13.29 -13.83
CA ILE D 90 -9.80 -13.19 -13.22
C ILE D 90 -10.64 -12.36 -14.15
N VAL D 91 -11.90 -12.74 -14.34
CA VAL D 91 -12.82 -11.96 -15.13
C VAL D 91 -13.97 -11.56 -14.21
N VAL D 92 -14.07 -10.27 -13.94
CA VAL D 92 -15.10 -9.74 -13.06
C VAL D 92 -16.26 -9.37 -13.95
N VAL D 93 -17.39 -10.05 -13.78
CA VAL D 93 -18.55 -9.86 -14.64
C VAL D 93 -19.51 -8.97 -13.89
N THR D 94 -19.58 -7.71 -14.30
CA THR D 94 -20.54 -6.77 -13.77
C THR D 94 -21.72 -6.58 -14.73
N ALA D 95 -21.67 -7.19 -15.91
CA ALA D 95 -22.64 -6.93 -16.94
C ALA D 95 -24.03 -7.38 -16.52
N GLY D 96 -24.99 -6.48 -16.61
CA GLY D 96 -26.36 -6.78 -16.27
C GLY D 96 -27.24 -5.64 -16.71
N VAL D 97 -28.50 -5.95 -16.95
CA VAL D 97 -29.40 -5.02 -17.60
C VAL D 97 -30.35 -4.43 -16.57
N LEU D 108 -36.53 -11.62 -13.67
CA LEU D 108 -35.67 -10.88 -14.58
C LEU D 108 -34.39 -11.63 -14.94
N VAL D 109 -34.18 -12.80 -14.35
CA VAL D 109 -32.97 -13.57 -14.63
C VAL D 109 -32.84 -13.88 -16.11
N GLN D 110 -33.92 -14.33 -16.74
CA GLN D 110 -33.82 -14.83 -18.10
C GLN D 110 -33.52 -13.71 -19.08
N ARG D 111 -33.62 -12.45 -18.64
CA ARG D 111 -33.04 -11.37 -19.43
C ARG D 111 -31.53 -11.32 -19.25
N ASN D 112 -31.06 -11.43 -18.01
CA ASN D 112 -29.63 -11.48 -17.76
C ASN D 112 -29.00 -12.69 -18.44
N VAL D 113 -29.75 -13.78 -18.57
CA VAL D 113 -29.21 -14.96 -19.24
C VAL D 113 -29.16 -14.73 -20.73
N ASN D 114 -29.84 -13.70 -21.23
CA ASN D 114 -29.60 -13.29 -22.60
C ASN D 114 -28.22 -12.68 -22.74
N VAL D 115 -27.82 -11.85 -21.77
CA VAL D 115 -26.50 -11.22 -21.83
C VAL D 115 -25.41 -12.26 -21.61
N PHE D 116 -25.58 -13.15 -20.63
CA PHE D 116 -24.50 -14.06 -20.31
C PHE D 116 -24.33 -15.14 -21.37
N LYS D 117 -25.38 -15.44 -22.13
CA LYS D 117 -25.14 -16.23 -23.33
C LYS D 117 -24.29 -15.45 -24.31
N PHE D 118 -24.46 -14.13 -24.33
CA PHE D 118 -23.86 -13.21 -25.29
C PHE D 118 -22.42 -12.88 -24.95
N ILE D 119 -22.02 -13.00 -23.66
CA ILE D 119 -20.73 -12.54 -23.17
C ILE D 119 -19.90 -13.69 -22.59
N ILE D 120 -20.42 -14.38 -21.58
CA ILE D 120 -19.69 -15.44 -20.88
C ILE D 120 -18.96 -16.42 -21.79
N PRO D 121 -19.53 -16.92 -22.89
CA PRO D 121 -18.72 -17.80 -23.74
C PRO D 121 -17.66 -17.05 -24.53
N GLN D 122 -17.82 -15.74 -24.71
CA GLN D 122 -16.74 -14.95 -25.29
C GLN D 122 -15.63 -14.70 -24.27
N ILE D 123 -15.99 -14.51 -23.00
CA ILE D 123 -15.02 -14.50 -21.91
C ILE D 123 -14.14 -15.73 -21.96
N VAL D 124 -14.75 -16.92 -22.08
CA VAL D 124 -14.01 -18.16 -21.96
C VAL D 124 -13.29 -18.56 -23.24
N LYS D 125 -13.70 -18.03 -24.38
CA LYS D 125 -12.98 -18.36 -25.61
C LYS D 125 -11.57 -17.80 -25.57
N TYR D 126 -11.42 -16.55 -25.15
CA TYR D 126 -10.14 -15.87 -25.11
C TYR D 126 -9.31 -16.15 -23.87
N SER D 127 -9.91 -16.59 -22.78
CA SER D 127 -9.15 -16.71 -21.55
C SER D 127 -9.60 -17.92 -20.74
N PRO D 128 -9.17 -19.12 -21.11
CA PRO D 128 -9.79 -20.33 -20.55
C PRO D 128 -9.51 -20.54 -19.08
N ASN D 129 -8.42 -19.99 -18.58
CA ASN D 129 -8.01 -20.27 -17.20
C ASN D 129 -8.72 -19.34 -16.22
N CYS D 130 -9.39 -18.31 -16.73
CA CYS D 130 -9.87 -17.22 -15.89
C CYS D 130 -10.76 -17.75 -14.78
N THR D 131 -10.64 -17.13 -13.61
CA THR D 131 -11.70 -17.25 -12.62
C THR D 131 -12.76 -16.23 -13.00
N ILE D 132 -14.02 -16.62 -12.93
CA ILE D 132 -15.10 -15.70 -13.24
C ILE D 132 -15.75 -15.30 -11.93
N LEU D 133 -15.63 -14.03 -11.59
CA LEU D 133 -16.31 -13.45 -10.45
C LEU D 133 -17.53 -12.72 -10.97
N VAL D 134 -18.70 -13.08 -10.46
CA VAL D 134 -19.95 -12.51 -10.92
C VAL D 134 -20.44 -11.51 -9.90
N VAL D 135 -20.41 -10.24 -10.27
CA VAL D 135 -20.80 -9.16 -9.38
C VAL D 135 -22.26 -8.77 -9.53
N SER D 136 -22.92 -9.20 -10.60
CA SER D 136 -24.16 -8.57 -11.01
C SER D 136 -25.37 -9.23 -10.34
N ASN D 137 -26.35 -8.39 -9.97
CA ASN D 137 -27.60 -8.88 -9.41
C ASN D 137 -28.59 -9.36 -10.46
N PRO D 138 -29.29 -10.48 -10.19
CA PRO D 138 -29.12 -11.41 -9.06
C PRO D 138 -27.82 -12.17 -9.12
N VAL D 139 -27.10 -12.20 -8.02
CA VAL D 139 -25.74 -12.74 -8.05
C VAL D 139 -25.76 -14.26 -7.97
N ASP D 140 -26.71 -14.81 -7.21
CA ASP D 140 -26.72 -16.25 -6.98
C ASP D 140 -27.11 -17.02 -8.22
N ILE D 141 -28.06 -16.49 -8.99
CA ILE D 141 -28.52 -17.19 -10.17
C ILE D 141 -27.61 -16.92 -11.35
N LEU D 142 -27.20 -15.67 -11.52
CA LEU D 142 -26.28 -15.33 -12.60
C LEU D 142 -24.92 -15.97 -12.39
N THR D 143 -24.68 -16.49 -11.19
CA THR D 143 -23.51 -17.31 -10.96
C THR D 143 -23.72 -18.71 -11.49
N TYR D 144 -24.93 -19.25 -11.33
CA TYR D 144 -25.26 -20.52 -11.96
C TYR D 144 -25.31 -20.37 -13.46
N VAL D 145 -26.00 -19.34 -13.93
CA VAL D 145 -26.06 -19.04 -15.35
C VAL D 145 -24.68 -19.06 -15.96
N THR D 146 -23.69 -18.52 -15.25
CA THR D 146 -22.36 -18.40 -15.81
C THR D 146 -21.53 -19.65 -15.55
N TRP D 147 -21.97 -20.51 -14.65
CA TRP D 147 -21.33 -21.81 -14.52
C TRP D 147 -21.84 -22.79 -15.55
N LYS D 148 -23.15 -22.76 -15.82
CA LYS D 148 -23.69 -23.61 -16.87
C LYS D 148 -23.00 -23.38 -18.20
N LEU D 149 -22.99 -22.15 -18.69
CA LEU D 149 -22.68 -21.92 -20.09
C LEU D 149 -21.22 -21.57 -20.33
N SER D 150 -20.41 -21.47 -19.27
CA SER D 150 -18.97 -21.26 -19.44
C SER D 150 -18.15 -22.53 -19.51
N GLY D 151 -18.69 -23.66 -19.06
CA GLY D 151 -17.90 -24.87 -19.00
C GLY D 151 -16.65 -24.80 -18.16
N LEU D 152 -16.60 -23.89 -17.18
CA LEU D 152 -15.52 -23.86 -16.19
C LEU D 152 -15.85 -24.75 -15.00
N PRO D 153 -14.84 -25.20 -14.27
CA PRO D 153 -15.09 -26.00 -13.08
C PRO D 153 -15.92 -25.25 -12.05
N LYS D 154 -16.46 -26.00 -11.10
CA LYS D 154 -17.20 -25.42 -9.99
C LYS D 154 -16.39 -24.36 -9.26
N HIS D 155 -15.09 -24.57 -9.13
CA HIS D 155 -14.28 -23.70 -8.29
C HIS D 155 -13.78 -22.47 -9.01
N ARG D 156 -13.90 -22.39 -10.32
CA ARG D 156 -13.45 -21.22 -11.07
C ARG D 156 -14.57 -20.27 -11.42
N VAL D 157 -15.79 -20.52 -11.01
CA VAL D 157 -16.90 -19.60 -11.26
C VAL D 157 -17.61 -19.35 -9.95
N ILE D 158 -17.52 -18.13 -9.45
CA ILE D 158 -18.10 -17.76 -8.17
C ILE D 158 -18.60 -16.33 -8.29
N GLY D 159 -19.65 -16.00 -7.57
CA GLY D 159 -20.19 -14.68 -7.57
C GLY D 159 -19.80 -13.97 -6.30
N SER D 160 -19.97 -12.65 -6.30
CA SER D 160 -19.64 -11.88 -5.10
C SER D 160 -20.44 -12.39 -3.92
N GLY D 161 -21.76 -12.34 -4.02
CA GLY D 161 -22.58 -12.95 -2.99
C GLY D 161 -22.67 -12.08 -1.77
N CYS D 162 -22.64 -12.71 -0.62
CA CYS D 162 -22.80 -12.04 0.65
C CYS D 162 -21.50 -11.52 1.22
N ASN D 163 -20.43 -11.56 0.44
CA ASN D 163 -19.20 -10.89 0.80
C ASN D 163 -19.47 -9.46 1.24
N LEU D 164 -20.14 -8.67 0.41
CA LEU D 164 -20.43 -7.30 0.78
C LEU D 164 -21.46 -7.24 1.90
N ASP D 165 -22.45 -8.13 1.88
CA ASP D 165 -23.35 -8.24 3.02
C ASP D 165 -22.58 -8.47 4.31
N THR D 166 -21.59 -9.36 4.27
CA THR D 166 -20.74 -9.58 5.44
C THR D 166 -19.97 -8.31 5.79
N ALA D 167 -19.59 -7.53 4.77
CA ALA D 167 -18.87 -6.29 5.01
C ALA D 167 -19.78 -5.25 5.63
N ARG D 168 -20.96 -5.03 5.05
CA ARG D 168 -21.94 -4.15 5.68
C ARG D 168 -22.30 -4.61 7.07
N PHE D 169 -22.34 -5.92 7.28
CA PHE D 169 -22.74 -6.45 8.56
C PHE D 169 -21.70 -6.18 9.62
N ARG D 170 -20.43 -6.17 9.23
CA ARG D 170 -19.36 -5.91 10.19
C ARG D 170 -19.23 -4.43 10.49
N TYR D 171 -19.49 -3.57 9.51
CA TYR D 171 -19.46 -2.15 9.80
C TYR D 171 -20.56 -1.79 10.79
N LEU D 172 -21.76 -2.36 10.58
CA LEU D 172 -22.85 -2.13 11.51
C LEU D 172 -22.54 -2.72 12.87
N MET D 173 -22.13 -3.99 12.90
CA MET D 173 -21.80 -4.64 14.16
C MET D 173 -20.68 -3.91 14.89
N ALA D 174 -19.81 -3.21 14.16
CA ALA D 174 -18.76 -2.43 14.80
C ALA D 174 -19.25 -1.06 15.23
N GLU D 175 -20.03 -0.39 14.37
CA GLU D 175 -20.50 0.94 14.70
C GLU D 175 -21.26 0.94 16.03
N ARG D 176 -22.03 -0.12 16.28
CA ARG D 176 -22.70 -0.26 17.57
C ARG D 176 -21.69 -0.48 18.69
N LEU D 177 -20.55 -1.09 18.37
CA LEU D 177 -19.49 -1.26 19.36
C LEU D 177 -18.38 -0.22 19.25
N GLY D 178 -18.43 0.66 18.26
CA GLY D 178 -17.40 1.67 18.13
C GLY D 178 -16.05 1.20 17.66
N ILE D 179 -15.88 -0.10 17.44
CA ILE D 179 -14.57 -0.63 17.04
C ILE D 179 -14.47 -0.61 15.53
N HIS D 180 -13.38 -1.15 15.00
CA HIS D 180 -13.13 -1.11 13.58
C HIS D 180 -13.67 -2.38 12.92
N PRO D 181 -14.30 -2.26 11.75
CA PRO D 181 -15.01 -3.41 11.19
C PRO D 181 -14.17 -4.65 11.02
N THR D 182 -12.85 -4.51 10.92
CA THR D 182 -12.01 -5.68 10.77
C THR D 182 -11.99 -6.50 12.05
N SER D 183 -12.34 -5.88 13.17
CA SER D 183 -12.26 -6.56 14.47
C SER D 183 -13.50 -7.41 14.73
N CYS D 184 -14.66 -6.96 14.28
CA CYS D 184 -15.90 -7.66 14.58
C CYS D 184 -16.25 -8.64 13.47
N HIS D 185 -16.20 -9.91 13.80
CA HIS D 185 -16.27 -10.98 12.82
C HIS D 185 -17.67 -11.57 12.85
N GLY D 186 -18.42 -11.37 11.79
CA GLY D 186 -19.72 -12.01 11.65
C GLY D 186 -20.06 -12.17 10.18
N TRP D 187 -20.90 -13.15 9.91
CA TRP D 187 -21.05 -13.66 8.55
C TRP D 187 -22.48 -13.53 8.07
N ILE D 188 -22.60 -13.59 6.74
CA ILE D 188 -23.86 -13.58 6.04
C ILE D 188 -23.81 -14.69 5.01
N LEU D 189 -24.74 -15.63 5.11
CA LEU D 189 -24.80 -16.76 4.19
C LEU D 189 -26.12 -16.74 3.47
N GLY D 190 -26.17 -17.38 2.31
CA GLY D 190 -27.42 -17.66 1.66
C GLY D 190 -27.77 -16.66 0.57
N GLU D 191 -29.06 -16.63 0.25
CA GLU D 191 -29.56 -15.80 -0.83
C GLU D 191 -29.38 -14.33 -0.49
N HIS D 192 -29.45 -13.48 -1.51
CA HIS D 192 -29.03 -12.10 -1.36
C HIS D 192 -30.19 -11.16 -1.05
N GLY D 193 -31.38 -11.71 -0.83
CA GLY D 193 -32.53 -10.89 -0.49
C GLY D 193 -32.66 -10.68 1.01
N ASP D 194 -33.90 -10.57 1.46
CA ASP D 194 -34.20 -10.61 2.89
C ASP D 194 -33.81 -11.96 3.48
N SER D 195 -33.52 -12.91 2.60
CA SER D 195 -33.35 -14.32 2.91
C SER D 195 -31.91 -14.70 3.25
N SER D 196 -31.01 -13.72 3.35
CA SER D 196 -29.64 -14.01 3.79
C SER D 196 -29.64 -14.55 5.19
N VAL D 197 -28.63 -15.35 5.52
CA VAL D 197 -28.52 -15.93 6.85
C VAL D 197 -27.40 -15.21 7.58
N ALA D 198 -27.74 -14.45 8.60
CA ALA D 198 -26.72 -13.90 9.46
C ALA D 198 -26.49 -14.89 10.57
N VAL D 199 -25.36 -15.56 10.55
CA VAL D 199 -25.08 -16.58 11.55
C VAL D 199 -24.54 -15.87 12.78
N TRP D 200 -25.30 -15.92 13.85
CA TRP D 200 -24.96 -15.25 15.09
C TRP D 200 -24.08 -16.10 15.97
N SER D 201 -24.00 -17.40 15.66
CA SER D 201 -23.11 -18.30 16.39
C SER D 201 -21.66 -17.93 16.17
N GLY D 202 -21.37 -17.27 15.05
CA GLY D 202 -20.03 -16.81 14.76
C GLY D 202 -19.75 -15.37 15.09
N VAL D 203 -20.78 -14.54 15.21
CA VAL D 203 -20.58 -13.13 15.52
C VAL D 203 -19.85 -12.99 16.84
N ASN D 204 -18.88 -12.09 16.88
CA ASN D 204 -18.01 -11.92 18.04
C ASN D 204 -17.10 -10.74 17.80
N VAL D 205 -16.38 -10.36 18.85
CA VAL D 205 -15.35 -9.34 18.81
C VAL D 205 -14.21 -9.78 19.70
N ALA D 206 -12.99 -9.68 19.18
CA ALA D 206 -11.79 -10.13 19.91
C ALA D 206 -11.97 -11.54 20.46
N GLY D 207 -12.69 -12.38 19.71
CA GLY D 207 -12.95 -13.72 20.16
C GLY D 207 -13.90 -13.81 21.33
N VAL D 208 -14.69 -12.77 21.58
CA VAL D 208 -15.71 -12.79 22.60
C VAL D 208 -17.04 -12.90 21.89
N SER D 209 -17.65 -14.08 21.96
CA SER D 209 -18.92 -14.28 21.26
C SER D 209 -19.97 -13.35 21.84
N LEU D 210 -20.72 -12.70 20.95
CA LEU D 210 -21.81 -11.86 21.42
C LEU D 210 -23.04 -12.70 21.73
N GLN D 211 -23.31 -13.71 20.91
CA GLN D 211 -24.39 -14.65 21.17
C GLN D 211 -24.24 -15.28 22.55
N GLU D 212 -23.01 -15.67 22.89
CA GLU D 212 -22.74 -16.32 24.17
C GLU D 212 -23.26 -15.51 25.35
N LEU D 213 -22.92 -14.22 25.38
CA LEU D 213 -23.24 -13.43 26.57
C LEU D 213 -24.71 -13.02 26.59
N ASN D 214 -25.23 -12.49 25.48
CA ASN D 214 -26.65 -12.15 25.41
C ASN D 214 -27.40 -13.19 24.58
N PRO D 215 -28.24 -14.02 25.21
CA PRO D 215 -28.98 -15.03 24.44
C PRO D 215 -30.06 -14.44 23.55
N ALA D 216 -30.43 -13.18 23.78
CA ALA D 216 -31.56 -12.59 23.06
C ALA D 216 -31.26 -12.27 21.62
N MET D 217 -30.01 -12.48 21.18
CA MET D 217 -29.63 -12.25 19.79
C MET D 217 -30.26 -13.30 18.89
N GLY D 218 -30.32 -12.98 17.59
CA GLY D 218 -30.85 -13.90 16.60
C GLY D 218 -32.32 -14.22 16.75
N THR D 219 -33.13 -13.29 17.23
CA THR D 219 -34.48 -13.57 17.69
C THR D 219 -35.47 -12.53 17.16
N ASP D 220 -36.68 -12.60 17.70
CA ASP D 220 -37.70 -11.61 17.41
C ASP D 220 -37.42 -10.29 18.14
N LYS D 221 -37.08 -10.35 19.44
CA LYS D 221 -36.92 -9.14 20.24
C LYS D 221 -35.71 -9.25 21.15
N ASP D 222 -35.05 -8.11 21.39
CA ASP D 222 -33.93 -7.97 22.29
C ASP D 222 -33.86 -6.50 22.71
N SER D 223 -33.12 -6.22 23.78
CA SER D 223 -32.88 -4.86 24.24
C SER D 223 -32.51 -3.92 23.10
N GLU D 224 -31.35 -4.15 22.48
CA GLU D 224 -30.97 -3.44 21.27
C GLU D 224 -31.60 -4.05 20.03
N ASN D 225 -32.36 -5.13 20.19
CA ASN D 225 -32.87 -6.00 19.13
C ASN D 225 -31.82 -6.12 18.01
N TRP D 226 -30.74 -6.82 18.36
CA TRP D 226 -29.61 -7.00 17.46
C TRP D 226 -30.02 -7.67 16.16
N LYS D 227 -31.18 -8.34 16.13
CA LYS D 227 -31.71 -8.79 14.86
C LYS D 227 -31.95 -7.63 13.90
N GLU D 228 -32.08 -6.41 14.44
CA GLU D 228 -32.24 -5.27 13.55
C GLU D 228 -30.98 -5.05 12.72
N VAL D 229 -29.82 -5.46 13.24
CA VAL D 229 -28.58 -5.35 12.47
C VAL D 229 -28.73 -6.06 11.13
N HIS D 230 -29.10 -7.34 11.17
CA HIS D 230 -29.34 -8.06 9.92
C HIS D 230 -30.50 -7.46 9.15
N LYS D 231 -31.45 -6.85 9.85
CA LYS D 231 -32.50 -6.14 9.13
C LYS D 231 -31.96 -4.84 8.56
N GLN D 232 -30.93 -4.27 9.19
CA GLN D 232 -30.31 -3.06 8.64
C GLN D 232 -29.32 -3.40 7.54
N VAL D 233 -28.65 -4.55 7.65
CA VAL D 233 -27.75 -5.01 6.61
C VAL D 233 -28.48 -5.13 5.28
N VAL D 234 -29.65 -5.75 5.30
CA VAL D 234 -30.41 -5.93 4.07
C VAL D 234 -31.11 -4.64 3.70
N GLU D 235 -31.38 -3.79 4.69
CA GLU D 235 -32.08 -2.52 4.42
C GLU D 235 -31.13 -1.47 3.88
N SER D 236 -29.90 -1.42 4.40
CA SER D 236 -28.95 -0.40 3.98
C SER D 236 -28.62 -0.54 2.50
N ALA D 237 -28.47 -1.76 2.02
CA ALA D 237 -28.22 -1.98 0.60
C ALA D 237 -29.20 -1.19 -0.26
N TYR D 238 -30.47 -1.18 0.12
CA TYR D 238 -31.48 -0.44 -0.64
C TYR D 238 -31.44 1.04 -0.29
N GLU D 239 -31.18 1.36 0.98
CA GLU D 239 -31.17 2.75 1.40
C GLU D 239 -30.01 3.50 0.75
N VAL D 240 -29.00 2.77 0.30
CA VAL D 240 -28.00 3.36 -0.58
C VAL D 240 -28.53 3.42 -2.01
N ILE D 241 -29.31 2.42 -2.40
CA ILE D 241 -29.92 2.43 -3.73
C ILE D 241 -30.95 3.55 -3.83
N ARG D 242 -31.73 3.75 -2.78
CA ARG D 242 -32.70 4.84 -2.79
C ARG D 242 -32.02 6.18 -3.05
N LEU D 243 -31.06 6.53 -2.19
CA LEU D 243 -30.58 7.91 -2.12
C LEU D 243 -29.87 8.32 -3.40
N LYS D 244 -28.80 7.62 -3.78
CA LYS D 244 -28.04 8.01 -4.95
C LYS D 244 -28.37 7.20 -6.20
N GLY D 245 -29.27 6.23 -6.11
CA GLY D 245 -29.73 5.50 -7.27
C GLY D 245 -29.16 4.10 -7.41
N TYR D 246 -27.99 3.83 -6.84
CA TYR D 246 -27.41 2.49 -6.82
C TYR D 246 -26.09 2.48 -6.08
N THR D 247 -25.67 1.32 -5.58
CA THR D 247 -24.47 1.22 -4.75
C THR D 247 -23.32 0.68 -5.58
N ASN D 248 -22.20 1.37 -5.51
CA ASN D 248 -21.05 0.99 -6.32
C ASN D 248 -19.78 0.82 -5.51
N TRP D 249 -19.33 1.83 -4.77
CA TRP D 249 -18.02 1.74 -4.15
C TRP D 249 -17.99 0.77 -2.97
N ALA D 250 -19.15 0.35 -2.47
CA ALA D 250 -19.12 -0.73 -1.51
C ALA D 250 -18.85 -2.04 -2.21
N ILE D 251 -19.54 -2.29 -3.32
CA ILE D 251 -19.41 -3.55 -4.02
C ILE D 251 -18.15 -3.56 -4.86
N GLY D 252 -17.59 -2.40 -5.16
CA GLY D 252 -16.34 -2.36 -5.89
C GLY D 252 -15.14 -2.57 -5.01
N LEU D 253 -15.24 -2.17 -3.74
CA LEU D 253 -14.20 -2.48 -2.77
C LEU D 253 -14.22 -3.95 -2.37
N SER D 254 -15.41 -4.55 -2.38
CA SER D 254 -15.54 -5.96 -2.08
C SER D 254 -14.92 -6.81 -3.18
N VAL D 255 -15.21 -6.46 -4.42
CA VAL D 255 -14.65 -7.18 -5.56
C VAL D 255 -13.14 -7.03 -5.61
N ALA D 256 -12.65 -5.82 -5.35
CA ALA D 256 -11.21 -5.61 -5.32
C ALA D 256 -10.57 -6.42 -4.23
N GLU D 257 -11.30 -6.71 -3.17
CA GLU D 257 -10.73 -7.49 -2.08
C GLU D 257 -10.77 -8.98 -2.41
N LEU D 258 -11.69 -9.37 -3.29
CA LEU D 258 -11.73 -10.73 -3.82
C LEU D 258 -10.66 -10.94 -4.86
N CYS D 259 -10.50 -10.00 -5.77
CA CYS D 259 -9.43 -10.09 -6.74
C CYS D 259 -8.08 -10.13 -6.04
N GLU D 260 -7.98 -9.48 -4.89
CA GLU D 260 -6.75 -9.54 -4.10
C GLU D 260 -6.54 -10.93 -3.52
N THR D 261 -7.59 -11.54 -3.00
CA THR D 261 -7.41 -12.87 -2.44
C THR D 261 -6.98 -13.86 -3.51
N MET D 262 -7.55 -13.73 -4.70
CA MET D 262 -7.28 -14.68 -5.76
C MET D 262 -5.96 -14.38 -6.45
N LEU D 263 -5.73 -13.13 -6.83
CA LEU D 263 -4.46 -12.79 -7.45
C LEU D 263 -3.30 -12.96 -6.48
N LYS D 264 -3.37 -12.32 -5.32
CA LYS D 264 -2.30 -12.50 -4.36
C LYS D 264 -2.31 -13.89 -3.74
N ASN D 265 -3.30 -14.72 -4.07
CA ASN D 265 -3.25 -16.13 -3.73
C ASN D 265 -3.16 -16.30 -2.22
N LEU D 266 -4.03 -15.61 -1.50
CA LEU D 266 -3.92 -15.50 -0.06
C LEU D 266 -4.55 -16.65 0.70
N TYR D 267 -5.49 -17.38 0.11
CA TYR D 267 -6.31 -18.35 0.84
C TYR D 267 -7.13 -17.70 1.94
N ARG D 268 -7.68 -16.52 1.68
CA ARG D 268 -8.57 -15.85 2.62
C ARG D 268 -9.98 -16.37 2.50
N VAL D 269 -10.73 -16.27 3.57
CA VAL D 269 -12.09 -16.78 3.65
C VAL D 269 -13.04 -15.64 3.36
N HIS D 270 -13.69 -15.70 2.20
CA HIS D 270 -14.77 -14.79 1.86
C HIS D 270 -16.04 -15.60 1.73
N SER D 271 -17.18 -14.97 1.97
CA SER D 271 -18.44 -15.65 1.71
C SER D 271 -18.89 -15.32 0.30
N VAL D 272 -18.83 -16.31 -0.59
CA VAL D 272 -19.08 -16.10 -2.00
C VAL D 272 -20.07 -17.15 -2.49
N SER D 273 -20.58 -16.93 -3.70
CA SER D 273 -21.59 -17.81 -4.26
C SER D 273 -20.91 -19.00 -4.92
N THR D 274 -21.19 -20.19 -4.39
CA THR D 274 -20.65 -21.42 -4.93
C THR D 274 -21.71 -22.52 -4.85
N LEU D 275 -21.48 -23.61 -5.57
CA LEU D 275 -22.43 -24.73 -5.59
C LEU D 275 -22.64 -25.33 -4.22
N VAL D 276 -23.91 -25.38 -3.80
CA VAL D 276 -24.24 -25.93 -2.49
C VAL D 276 -24.69 -27.39 -2.58
N LYS D 277 -24.71 -27.98 -3.77
CA LYS D 277 -25.06 -29.38 -3.92
C LYS D 277 -24.21 -30.25 -3.00
N GLY D 278 -24.88 -31.07 -2.20
CA GLY D 278 -24.21 -32.01 -1.32
C GLY D 278 -24.14 -31.60 0.14
N THR D 279 -24.26 -30.33 0.46
CA THR D 279 -24.24 -29.90 1.85
C THR D 279 -25.52 -29.18 2.18
N TYR D 280 -25.80 -29.07 3.48
CA TYR D 280 -27.01 -28.42 3.99
C TYR D 280 -28.27 -28.96 3.30
N GLY D 281 -28.28 -30.26 3.03
CA GLY D 281 -29.45 -30.95 2.50
C GLY D 281 -29.98 -30.36 1.22
N ILE D 282 -29.12 -30.21 0.21
CA ILE D 282 -29.52 -29.64 -1.07
C ILE D 282 -28.98 -30.53 -2.17
N GLU D 283 -29.88 -31.16 -2.92
CA GLU D 283 -29.49 -31.93 -4.10
C GLU D 283 -29.42 -31.07 -5.35
N ASN D 284 -30.03 -29.90 -5.35
CA ASN D 284 -30.11 -29.09 -6.54
C ASN D 284 -28.77 -28.43 -6.81
N ASP D 285 -28.52 -28.05 -8.06
CA ASP D 285 -27.30 -27.33 -8.37
C ASP D 285 -27.61 -25.85 -8.22
N VAL D 286 -27.14 -25.28 -7.13
CA VAL D 286 -27.52 -23.93 -6.74
C VAL D 286 -26.31 -23.26 -6.13
N PHE D 287 -26.08 -22.02 -6.52
CA PHE D 287 -25.01 -21.21 -5.98
C PHE D 287 -25.56 -20.33 -4.87
N LEU D 288 -25.11 -20.59 -3.66
CA LEU D 288 -25.60 -19.88 -2.50
C LEU D 288 -24.36 -19.46 -1.71
N SER D 289 -24.45 -18.33 -1.03
CA SER D 289 -23.26 -17.69 -0.46
C SER D 289 -22.80 -18.45 0.78
N LEU D 290 -21.58 -18.96 0.75
CA LEU D 290 -21.02 -19.72 1.83
C LEU D 290 -19.58 -19.27 2.02
N PRO D 291 -19.09 -19.21 3.25
CA PRO D 291 -17.68 -18.88 3.44
C PRO D 291 -16.79 -19.87 2.74
N CYS D 292 -15.88 -19.37 1.92
CA CYS D 292 -15.07 -20.20 1.07
C CYS D 292 -13.65 -19.68 1.07
N VAL D 293 -12.70 -20.58 0.97
CA VAL D 293 -11.29 -20.19 0.92
C VAL D 293 -10.90 -19.96 -0.53
N LEU D 294 -10.58 -18.72 -0.86
CA LEU D 294 -10.24 -18.31 -2.21
C LEU D 294 -8.74 -18.30 -2.39
N SER D 295 -8.27 -18.72 -3.55
CA SER D 295 -6.85 -18.67 -3.83
C SER D 295 -6.69 -18.39 -5.31
N ALA D 296 -5.46 -18.58 -5.79
CA ALA D 296 -5.19 -18.35 -7.20
C ALA D 296 -5.93 -19.35 -8.06
N SER D 297 -6.04 -20.59 -7.58
CA SER D 297 -6.61 -21.66 -8.38
C SER D 297 -8.11 -21.50 -8.56
N GLY D 298 -8.77 -20.89 -7.60
CA GLY D 298 -10.19 -20.73 -7.63
C GLY D 298 -10.67 -20.68 -6.21
N LEU D 299 -11.91 -21.11 -5.99
CA LEU D 299 -12.27 -21.54 -4.66
C LEU D 299 -11.52 -22.82 -4.30
N THR D 300 -10.74 -22.74 -3.24
CA THR D 300 -9.99 -23.89 -2.78
C THR D 300 -10.88 -24.84 -2.00
N SER D 301 -11.80 -24.29 -1.22
CA SER D 301 -12.61 -25.11 -0.34
C SER D 301 -13.79 -24.27 0.13
N VAL D 302 -14.55 -24.86 1.05
CA VAL D 302 -15.62 -24.18 1.75
C VAL D 302 -15.41 -24.45 3.24
N ILE D 303 -15.64 -23.44 4.04
CA ILE D 303 -15.76 -23.62 5.48
C ILE D 303 -17.12 -24.24 5.77
N ASN D 304 -17.14 -25.21 6.67
CA ASN D 304 -18.38 -25.87 7.06
C ASN D 304 -18.96 -25.14 8.26
N GLN D 305 -20.08 -24.48 8.03
CA GLN D 305 -20.67 -23.55 8.98
C GLN D 305 -21.65 -24.34 9.84
N LYS D 306 -21.44 -24.33 11.14
CA LYS D 306 -22.37 -25.03 12.01
C LYS D 306 -23.57 -24.16 12.31
N LEU D 307 -24.73 -24.59 11.84
CA LEU D 307 -25.89 -23.74 11.83
C LEU D 307 -26.99 -24.34 12.69
N LYS D 308 -27.81 -23.46 13.26
CA LYS D 308 -29.07 -23.87 13.84
C LYS D 308 -29.89 -24.62 12.79
N ASP D 309 -30.68 -25.57 13.24
CA ASP D 309 -31.67 -26.21 12.38
C ASP D 309 -32.43 -25.15 11.62
N ASP D 310 -32.78 -24.08 12.33
CA ASP D 310 -33.55 -22.99 11.74
C ASP D 310 -32.74 -22.26 10.67
N GLU D 311 -31.42 -22.21 10.87
CA GLU D 311 -30.55 -21.52 9.91
C GLU D 311 -30.32 -22.36 8.67
N VAL D 312 -30.05 -23.66 8.84
CA VAL D 312 -29.98 -24.55 7.69
C VAL D 312 -31.29 -24.52 6.91
N ALA D 313 -32.40 -24.25 7.61
CA ALA D 313 -33.69 -24.16 6.94
C ALA D 313 -33.72 -22.99 5.97
N GLN D 314 -33.22 -21.83 6.40
CA GLN D 314 -33.23 -20.67 5.51
C GLN D 314 -32.38 -20.91 4.28
N LEU D 315 -31.23 -21.57 4.43
CA LEU D 315 -30.48 -22.01 3.26
C LEU D 315 -31.33 -22.94 2.40
N LYS D 316 -31.81 -24.04 2.98
CA LYS D 316 -32.61 -25.02 2.26
C LYS D 316 -33.76 -24.37 1.52
N LYS D 317 -34.60 -23.62 2.23
CA LYS D 317 -35.73 -22.97 1.58
C LYS D 317 -35.27 -22.00 0.50
N SER D 318 -34.36 -21.09 0.86
CA SER D 318 -33.94 -20.07 -0.09
C SER D 318 -33.17 -20.68 -1.25
N ALA D 319 -32.56 -21.85 -1.04
CA ALA D 319 -32.02 -22.59 -2.17
C ALA D 319 -33.12 -22.95 -3.16
N ASP D 320 -34.28 -23.36 -2.64
CA ASP D 320 -35.40 -23.75 -3.50
C ASP D 320 -35.99 -22.56 -4.22
N THR D 321 -36.11 -21.43 -3.51
CA THR D 321 -36.58 -20.20 -4.14
C THR D 321 -35.76 -19.87 -5.39
N LEU D 322 -34.47 -20.18 -5.36
CA LEU D 322 -33.63 -19.98 -6.54
C LEU D 322 -33.95 -21.01 -7.60
N TRP D 323 -33.89 -22.29 -7.24
CA TRP D 323 -34.05 -23.37 -8.21
C TRP D 323 -35.47 -23.44 -8.73
N SER D 324 -36.45 -23.04 -7.93
CA SER D 324 -37.82 -22.98 -8.42
C SER D 324 -37.90 -22.09 -9.65
N ILE D 325 -37.19 -20.96 -9.64
CA ILE D 325 -37.11 -20.11 -10.81
C ILE D 325 -35.83 -20.32 -11.61
N GLN D 326 -34.97 -21.23 -11.18
CA GLN D 326 -33.80 -21.63 -11.93
C GLN D 326 -34.05 -22.88 -12.75
N LYS D 327 -35.24 -23.48 -12.64
CA LYS D 327 -35.59 -24.65 -13.44
C LYS D 327 -35.97 -24.27 -14.87
N ASP D 328 -36.56 -23.10 -15.05
CA ASP D 328 -37.04 -22.64 -16.35
C ASP D 328 -35.99 -21.86 -17.14
N LEU D 329 -34.75 -21.82 -16.67
CA LEU D 329 -33.71 -21.13 -17.41
C LEU D 329 -33.51 -21.79 -18.78
N LYS D 330 -33.52 -20.97 -19.83
CA LYS D 330 -33.31 -21.44 -21.19
C LYS D 330 -31.89 -21.07 -21.61
N ASP D 331 -31.01 -22.06 -21.66
CA ASP D 331 -29.61 -21.83 -22.03
C ASP D 331 -29.39 -22.17 -23.48
#